data_9ESQ
#
_entry.id   9ESQ
#
_cell.length_a   73.953
_cell.length_b   133.767
_cell.length_c   147.889
_cell.angle_alpha   90
_cell.angle_beta   90
_cell.angle_gamma   90
#
_symmetry.space_group_name_H-M   'P 21 21 21'
#
loop_
_entity.id
_entity.type
_entity.pdbx_description
1 polymer 'Cyclin-dependent kinase 2'
2 polymer Cyclin-A2
3 non-polymer '4-bromanyl-2-oxidanyl-benzoic acid'
4 water water
#
loop_
_entity_poly.entity_id
_entity_poly.type
_entity_poly.pdbx_seq_one_letter_code
_entity_poly.pdbx_strand_id
1 'polypeptide(L)'
;GPGSMENFQKVEKIGEGTYGVVYKARNKLTGEVVALKKIRLDTETEGVPSTAIREISLLKELNHPNIVKLLDVIHTENKL
YLVFEFLHQDLKKFMDASALTGIPLPLIKSYLFQLLQGLAFCHSHRVLHRDLKPQNLLINTEGAIKLADFGLARAFGVPV
RTY(TPO)HEVVTLWYRAPEILLGCKYYSTAVDIWSLGCIFAEMVTRRALFPGDSEIDQLFRIFRTLGTPDEVVWPGVTS
MPDYKPSFPKWARQDFSKVVPPLDEDGRSLLSQMLHYDPNKRISAKAALAHPFFQDVTKPVPHLRL
;
A,C
2 'polypeptide(L)'
;GVNEVPDYHEDIHTYLREMEVKCKPKVGYMKKQPDITNSMRAILVDWLVEVGEEYKLQNETLHLAVNYIDRFLSSMSVLR
GKLQLVGTAAMLLASKFEEIYPPEVAEFVYITDDTYTKKQVLRMEHLVLKVLAFDLAAPTINQFLTQYFLHQQPANCKVE
SLAMFLGELSLIDADPYLKYLPSVIAAAAFHLALYTVTGQSWPESLVQKTGYTLETLKPCLLDLHQTYLRAPQHAQQSIR
EKYKNSKYHGVSLLNPPETLNVHHHHHH
;
B,D
#
loop_
_chem_comp.id
_chem_comp.type
_chem_comp.name
_chem_comp.formula
IT4 non-polymer '4-bromanyl-2-oxidanyl-benzoic acid' 'C7 H5 Br O3'
#
# COMPACT_ATOMS: atom_id res chain seq x y z
N GLY A 1 -1.88 -4.57 -10.53
CA GLY A 1 -1.89 -3.25 -9.89
C GLY A 1 -2.77 -2.29 -10.70
N PRO A 2 -2.32 -1.05 -10.95
CA PRO A 2 -3.15 -0.07 -11.69
C PRO A 2 -3.07 -0.13 -13.22
N GLY A 3 -3.16 -1.32 -13.82
CA GLY A 3 -2.87 -1.43 -15.24
C GLY A 3 -3.86 -2.32 -16.00
N SER A 4 -3.77 -2.26 -17.34
CA SER A 4 -4.63 -3.06 -18.25
C SER A 4 -3.90 -3.13 -19.60
N MET A 5 -4.09 -4.21 -20.37
CA MET A 5 -3.29 -4.39 -21.60
C MET A 5 -3.82 -3.58 -22.79
N GLU A 6 -5.03 -3.04 -22.69
CA GLU A 6 -5.63 -2.26 -23.79
C GLU A 6 -4.90 -0.91 -23.92
N ASN A 7 -4.28 -0.42 -22.84
CA ASN A 7 -3.58 0.85 -22.87
C ASN A 7 -2.14 0.70 -23.34
N PHE A 8 -1.74 -0.52 -23.74
CA PHE A 8 -0.40 -0.74 -24.25
C PHE A 8 -0.42 -1.08 -25.74
N GLN A 9 0.55 -0.51 -26.45
CA GLN A 9 0.78 -0.75 -27.87
C GLN A 9 2.09 -1.51 -27.97
N LYS A 10 2.06 -2.72 -28.55
CA LYS A 10 3.28 -3.48 -28.79
C LYS A 10 4.13 -2.79 -29.84
N VAL A 11 5.45 -2.73 -29.62
CA VAL A 11 6.37 -2.06 -30.53
C VAL A 11 7.22 -3.11 -31.25
N GLU A 12 7.92 -3.97 -30.50
CA GLU A 12 8.75 -5.01 -31.10
C GLU A 12 9.22 -5.97 -30.02
N LYS A 13 9.72 -7.16 -30.42
CA LYS A 13 10.31 -8.09 -29.48
C LYS A 13 11.68 -7.52 -29.08
N ILE A 14 12.12 -7.71 -27.84
CA ILE A 14 13.44 -7.23 -27.46
C ILE A 14 14.28 -8.33 -26.84
N GLY A 15 13.73 -9.53 -26.71
CA GLY A 15 14.37 -10.52 -25.86
C GLY A 15 13.47 -11.72 -25.64
N GLU A 16 14.05 -12.72 -24.99
CA GLU A 16 13.31 -13.88 -24.53
C GLU A 16 14.00 -14.28 -23.23
N GLY A 17 13.19 -14.53 -22.20
CA GLY A 17 13.69 -14.90 -20.89
C GLY A 17 13.06 -16.21 -20.43
N THR A 18 13.17 -16.40 -19.12
CA THR A 18 12.79 -17.63 -18.46
C THR A 18 11.29 -17.91 -18.65
N TYR A 19 10.50 -16.91 -19.09
CA TYR A 19 9.04 -17.05 -19.14
C TYR A 19 8.48 -16.94 -20.55
N GLY A 20 9.39 -16.73 -21.51
CA GLY A 20 8.97 -16.45 -22.85
C GLY A 20 9.61 -15.16 -23.37
N VAL A 21 8.78 -14.28 -23.91
CA VAL A 21 9.33 -13.20 -24.70
C VAL A 21 9.11 -11.87 -24.00
N VAL A 22 10.13 -11.00 -24.09
CA VAL A 22 9.99 -9.63 -23.64
C VAL A 22 9.71 -8.74 -24.85
N TYR A 23 8.68 -7.90 -24.74
CA TYR A 23 8.36 -6.91 -25.76
C TYR A 23 8.63 -5.50 -25.25
N LYS A 24 9.03 -4.63 -26.18
CA LYS A 24 8.98 -3.20 -25.95
C LYS A 24 7.55 -2.77 -26.23
N ALA A 25 6.95 -2.02 -25.30
CA ALA A 25 5.61 -1.53 -25.55
C ALA A 25 5.55 -0.07 -25.14
N ARG A 26 4.46 0.57 -25.52
CA ARG A 26 4.25 1.98 -25.26
C ARG A 26 2.89 2.13 -24.60
N ASN A 27 2.87 2.85 -23.45
CA ASN A 27 1.63 3.25 -22.79
C ASN A 27 0.99 4.34 -23.62
N LYS A 28 -0.22 4.11 -24.11
CA LYS A 28 -0.79 4.99 -25.11
C LYS A 28 -1.39 6.25 -24.48
N LEU A 29 -1.48 6.28 -23.14
CA LEU A 29 -2.07 7.43 -22.44
C LEU A 29 -0.98 8.35 -21.89
N THR A 30 0.10 7.75 -21.41
CA THR A 30 1.16 8.51 -20.75
C THR A 30 2.35 8.75 -21.68
N GLY A 31 2.56 7.86 -22.65
CA GLY A 31 3.68 7.90 -23.58
C GLY A 31 4.83 7.01 -23.11
N GLU A 32 4.69 6.48 -21.90
CA GLU A 32 5.81 5.78 -21.30
C GLU A 32 6.14 4.51 -22.10
N VAL A 33 7.43 4.32 -22.37
CA VAL A 33 7.93 3.11 -23.00
C VAL A 33 8.23 2.12 -21.88
N VAL A 34 7.78 0.86 -22.03
CA VAL A 34 7.99 -0.18 -21.05
C VAL A 34 8.48 -1.46 -21.73
N ALA A 35 9.03 -2.38 -20.94
CA ALA A 35 9.25 -3.75 -21.32
C ALA A 35 8.18 -4.59 -20.65
N LEU A 36 7.49 -5.42 -21.45
CA LEU A 36 6.53 -6.39 -20.93
C LEU A 36 7.16 -7.76 -20.92
N LYS A 37 7.02 -8.46 -19.81
CA LYS A 37 7.50 -9.85 -19.71
C LYS A 37 6.26 -10.73 -19.50
N LYS A 38 5.88 -11.50 -20.51
CA LYS A 38 4.67 -12.33 -20.41
C LYS A 38 5.01 -13.64 -19.70
N ILE A 39 4.26 -13.96 -18.66
CA ILE A 39 4.46 -15.24 -17.94
C ILE A 39 3.21 -16.07 -18.19
N ARG A 40 3.31 -17.03 -19.11
CA ARG A 40 2.14 -17.84 -19.46
C ARG A 40 1.85 -18.79 -18.30
N LEU A 41 0.67 -18.69 -17.70
CA LEU A 41 0.30 -19.62 -16.61
C LEU A 41 -0.62 -20.69 -17.21
N ASP A 42 -1.17 -20.44 -18.40
CA ASP A 42 -2.04 -21.43 -19.08
C ASP A 42 -1.16 -22.62 -19.48
N THR A 43 0.10 -22.35 -19.79
CA THR A 43 1.04 -23.43 -20.12
C THR A 43 1.71 -23.86 -18.84
N GLU A 44 1.17 -23.45 -17.69
CA GLU A 44 1.75 -23.83 -16.39
C GLU A 44 0.84 -24.84 -15.67
N THR A 45 1.37 -26.01 -15.37
CA THR A 45 0.58 -27.03 -14.64
C THR A 45 0.90 -26.96 -13.17
N GLU A 46 1.96 -26.26 -12.79
CA GLU A 46 2.33 -26.10 -11.36
C GLU A 46 1.98 -24.67 -10.94
N GLY A 47 1.04 -24.05 -11.65
CA GLY A 47 0.59 -22.69 -11.37
C GLY A 47 1.71 -21.66 -11.56
N VAL A 48 1.77 -20.67 -10.68
CA VAL A 48 2.73 -19.60 -10.93
C VAL A 48 4.14 -20.11 -10.66
N PRO A 49 5.09 -19.94 -11.60
CA PRO A 49 6.45 -20.44 -11.42
C PRO A 49 7.10 -19.77 -10.22
N SER A 50 7.91 -20.53 -9.48
CA SER A 50 8.62 -19.99 -8.34
C SER A 50 9.56 -18.88 -8.77
N THR A 51 10.13 -18.99 -9.98
CA THR A 51 10.98 -17.94 -10.54
C THR A 51 10.23 -16.61 -10.54
N ALA A 52 8.94 -16.62 -10.94
CA ALA A 52 8.16 -15.39 -11.07
C ALA A 52 7.77 -14.88 -9.67
N ILE A 53 7.48 -15.81 -8.76
CA ILE A 53 7.10 -15.48 -7.40
C ILE A 53 8.26 -14.72 -6.73
N ARG A 54 9.48 -15.18 -6.99
CA ARG A 54 10.64 -14.51 -6.41
C ARG A 54 10.89 -13.19 -7.14
N GLU A 55 10.88 -13.23 -8.46
CA GLU A 55 11.18 -12.04 -9.24
C GLU A 55 10.25 -10.88 -8.84
N ILE A 56 8.94 -11.14 -8.80
CA ILE A 56 7.99 -10.10 -8.51
C ILE A 56 8.12 -9.64 -7.05
N SER A 57 8.02 -10.55 -6.08
CA SER A 57 8.02 -10.20 -4.66
C SER A 57 9.31 -9.45 -4.27
N LEU A 58 10.44 -9.87 -4.86
CA LEU A 58 11.69 -9.24 -4.54
C LEU A 58 11.80 -7.89 -5.21
N LEU A 59 11.43 -7.76 -6.49
CA LEU A 59 11.58 -6.49 -7.20
C LEU A 59 10.65 -5.39 -6.65
N LYS A 60 9.47 -5.78 -6.13
CA LYS A 60 8.55 -4.85 -5.47
C LYS A 60 9.25 -4.02 -4.38
N GLU A 61 10.14 -4.66 -3.62
CA GLU A 61 10.80 -4.05 -2.49
C GLU A 61 12.13 -3.39 -2.84
N LEU A 62 12.66 -3.63 -4.04
CA LEU A 62 13.92 -3.05 -4.46
C LEU A 62 13.68 -1.80 -5.29
N ASN A 63 13.58 -0.65 -4.63
CA ASN A 63 13.41 0.63 -5.31
C ASN A 63 14.74 1.38 -5.23
N HIS A 64 15.44 1.45 -6.35
CA HIS A 64 16.77 2.01 -6.38
C HIS A 64 17.08 2.35 -7.82
N PRO A 65 17.79 3.48 -8.06
CA PRO A 65 18.11 3.91 -9.42
C PRO A 65 18.91 2.95 -10.29
N ASN A 66 19.65 2.01 -9.67
CA ASN A 66 20.49 1.05 -10.38
C ASN A 66 19.92 -0.37 -10.26
N ILE A 67 18.63 -0.47 -9.91
CA ILE A 67 17.87 -1.69 -10.08
C ILE A 67 16.69 -1.38 -10.99
N VAL A 68 16.50 -2.20 -12.01
CA VAL A 68 15.39 -2.06 -12.93
C VAL A 68 14.09 -1.99 -12.13
N LYS A 69 13.20 -1.13 -12.62
CA LYS A 69 11.94 -0.89 -11.89
C LYS A 69 10.75 -1.64 -12.45
N LEU A 70 10.20 -2.54 -11.66
CA LEU A 70 8.93 -3.21 -11.92
C LEU A 70 7.80 -2.22 -11.62
N LEU A 71 7.10 -1.79 -12.67
CA LEU A 71 6.10 -0.74 -12.59
C LEU A 71 4.77 -1.31 -12.17
N ASP A 72 4.50 -2.57 -12.53
CA ASP A 72 3.18 -3.15 -12.38
C ASP A 72 3.20 -4.63 -12.76
N VAL A 73 2.23 -5.37 -12.22
CA VAL A 73 2.03 -6.79 -12.62
C VAL A 73 0.53 -6.85 -13.01
N ILE A 74 0.24 -7.20 -14.25
CA ILE A 74 -1.17 -7.26 -14.73
C ILE A 74 -1.61 -8.73 -14.65
N HIS A 75 -2.63 -8.98 -13.84
CA HIS A 75 -3.08 -10.39 -13.60
C HIS A 75 -4.27 -10.75 -14.47
N THR A 76 -4.12 -11.73 -15.34
CA THR A 76 -5.27 -12.26 -16.09
C THR A 76 -5.44 -13.68 -15.60
N GLU A 77 -6.51 -14.35 -15.98
CA GLU A 77 -6.77 -15.72 -15.44
C GLU A 77 -5.80 -16.71 -16.06
N ASN A 78 -5.34 -16.42 -17.27
CA ASN A 78 -4.43 -17.36 -17.98
C ASN A 78 -3.05 -16.73 -18.14
N LYS A 79 -2.97 -15.42 -17.95
CA LYS A 79 -1.68 -14.75 -18.24
C LYS A 79 -1.28 -13.74 -17.16
N LEU A 80 0.02 -13.58 -16.98
CA LEU A 80 0.61 -12.63 -16.06
C LEU A 80 1.58 -11.74 -16.85
N TYR A 81 1.36 -10.41 -16.82
CA TYR A 81 2.22 -9.45 -17.50
C TYR A 81 3.02 -8.64 -16.49
N LEU A 82 4.36 -8.78 -16.49
CA LEU A 82 5.24 -7.93 -15.69
C LEU A 82 5.63 -6.71 -16.53
N VAL A 83 5.33 -5.50 -16.02
CA VAL A 83 5.63 -4.23 -16.69
C VAL A 83 6.84 -3.59 -16.03
N PHE A 84 7.94 -3.51 -16.77
CA PHE A 84 9.19 -2.91 -16.34
C PHE A 84 9.44 -1.61 -17.11
N GLU A 85 10.29 -0.81 -16.49
CA GLU A 85 10.79 0.38 -17.19
C GLU A 85 11.65 -0.13 -18.35
N PHE A 86 11.63 0.59 -19.45
CA PHE A 86 12.40 0.22 -20.64
C PHE A 86 13.81 0.78 -20.59
N LEU A 87 14.80 -0.07 -20.85
CA LEU A 87 16.17 0.35 -21.10
C LEU A 87 16.63 -0.19 -22.45
N HIS A 88 17.46 0.59 -23.12
CA HIS A 88 17.72 0.53 -24.56
C HIS A 88 18.57 -0.70 -24.90
N GLN A 89 19.49 -1.08 -24.02
CA GLN A 89 20.50 -2.06 -24.41
C GLN A 89 21.01 -2.78 -23.17
N ASP A 90 21.61 -3.96 -23.33
CA ASP A 90 22.37 -4.63 -22.29
C ASP A 90 23.88 -4.42 -22.49
N LEU A 91 24.65 -4.66 -21.44
CA LEU A 91 26.05 -4.28 -21.41
C LEU A 91 26.87 -5.16 -22.39
N LYS A 92 26.36 -6.37 -22.64
CA LYS A 92 27.01 -7.29 -23.55
C LYS A 92 26.99 -6.72 -24.97
N LYS A 93 25.80 -6.30 -25.44
CA LYS A 93 25.63 -5.69 -26.75
C LYS A 93 26.47 -4.42 -26.87
N PHE A 94 26.53 -3.62 -25.80
CA PHE A 94 27.30 -2.38 -25.78
C PHE A 94 28.79 -2.67 -25.92
N MET A 95 29.28 -3.71 -25.21
CA MET A 95 30.67 -4.14 -25.32
C MET A 95 31.03 -4.60 -26.73
N ASP A 96 30.15 -5.39 -27.37
CA ASP A 96 30.35 -5.84 -28.75
C ASP A 96 30.34 -4.65 -29.72
N ALA A 97 29.43 -3.68 -29.51
CA ALA A 97 29.37 -2.44 -30.29
C ALA A 97 30.62 -1.57 -30.10
N SER A 98 31.31 -1.70 -28.93
CA SER A 98 32.52 -0.95 -28.62
C SER A 98 33.78 -1.71 -29.00
N ALA A 99 33.68 -2.59 -30.01
CA ALA A 99 34.60 -3.69 -30.27
C ALA A 99 36.05 -3.25 -30.32
N LEU A 100 36.35 -2.24 -31.15
CA LEU A 100 37.71 -1.88 -31.49
C LEU A 100 38.01 -0.44 -31.06
N THR A 101 37.01 0.20 -30.46
CA THR A 101 37.15 1.47 -29.76
C THR A 101 37.73 1.20 -28.37
N GLY A 102 37.19 0.20 -27.68
CA GLY A 102 37.28 0.11 -26.24
C GLY A 102 36.16 0.91 -25.58
N ILE A 103 35.83 0.59 -24.33
CA ILE A 103 34.95 1.43 -23.53
C ILE A 103 35.83 2.45 -22.79
N PRO A 104 35.60 3.77 -22.90
CA PRO A 104 36.47 4.74 -22.22
C PRO A 104 36.40 4.49 -20.71
N LEU A 105 37.51 4.71 -20.02
CA LEU A 105 37.68 4.42 -18.61
C LEU A 105 36.64 5.17 -17.77
N PRO A 106 36.32 6.46 -18.06
CA PRO A 106 35.28 7.17 -17.31
C PRO A 106 33.95 6.42 -17.31
N LEU A 107 33.66 5.70 -18.40
CA LEU A 107 32.40 4.99 -18.52
C LEU A 107 32.44 3.65 -17.79
N ILE A 108 33.61 3.00 -17.79
CA ILE A 108 33.79 1.74 -17.06
C ILE A 108 33.62 2.04 -15.57
N LYS A 109 34.24 3.14 -15.15
CA LYS A 109 34.31 3.53 -13.76
C LYS A 109 32.92 3.93 -13.26
N SER A 110 32.20 4.71 -14.05
CA SER A 110 30.80 5.06 -13.80
C SER A 110 29.89 3.84 -13.72
N TYR A 111 30.08 2.90 -14.66
CA TYR A 111 29.23 1.72 -14.69
C TYR A 111 29.49 0.83 -13.48
N LEU A 112 30.78 0.61 -13.16
CA LEU A 112 31.11 -0.22 -12.01
C LEU A 112 30.58 0.42 -10.70
N PHE A 113 30.76 1.75 -10.57
CA PHE A 113 30.25 2.44 -9.38
C PHE A 113 28.75 2.25 -9.22
N GLN A 114 27.98 2.38 -10.32
CA GLN A 114 26.54 2.22 -10.26
C GLN A 114 26.16 0.78 -9.94
N LEU A 115 26.88 -0.17 -10.54
CA LEU A 115 26.57 -1.57 -10.29
C LEU A 115 26.75 -1.88 -8.80
N LEU A 116 27.86 -1.39 -8.23
CA LEU A 116 28.10 -1.54 -6.80
C LEU A 116 26.99 -0.89 -5.97
N GLN A 117 26.47 0.28 -6.38
CA GLN A 117 25.41 0.93 -5.62
C GLN A 117 24.18 0.03 -5.62
N GLY A 118 23.89 -0.55 -6.80
CA GLY A 118 22.70 -1.38 -6.97
C GLY A 118 22.81 -2.65 -6.15
N LEU A 119 24.01 -3.23 -6.14
CA LEU A 119 24.21 -4.51 -5.50
C LEU A 119 24.21 -4.29 -3.98
N ALA A 120 24.80 -3.17 -3.54
CA ALA A 120 24.84 -2.89 -2.11
C ALA A 120 23.40 -2.78 -1.61
N PHE A 121 22.51 -2.19 -2.43
CA PHE A 121 21.12 -2.02 -2.09
C PHE A 121 20.43 -3.39 -1.98
N CYS A 122 20.74 -4.32 -2.91
CA CYS A 122 20.22 -5.69 -2.85
C CYS A 122 20.59 -6.36 -1.53
N HIS A 123 21.87 -6.26 -1.18
CA HIS A 123 22.43 -6.98 -0.04
C HIS A 123 21.92 -6.36 1.26
N SER A 124 21.74 -5.04 1.28
CA SER A 124 21.12 -4.37 2.41
C SER A 124 19.65 -4.74 2.60
N HIS A 125 19.05 -5.33 1.57
CA HIS A 125 17.62 -5.72 1.63
C HIS A 125 17.51 -7.24 1.54
N ARG A 126 18.45 -7.97 2.14
CA ARG A 126 18.45 -9.46 2.19
C ARG A 126 18.17 -10.11 0.83
N VAL A 127 18.74 -9.56 -0.26
CA VAL A 127 18.53 -10.14 -1.61
C VAL A 127 19.86 -10.49 -2.30
N LEU A 128 19.99 -11.73 -2.75
CA LEU A 128 21.15 -12.17 -3.55
C LEU A 128 20.67 -12.23 -5.01
N HIS A 129 21.46 -11.72 -5.95
CA HIS A 129 21.02 -11.64 -7.32
C HIS A 129 21.24 -12.99 -8.01
N ARG A 130 22.48 -13.49 -7.93
CA ARG A 130 22.85 -14.84 -8.29
C ARG A 130 22.88 -15.08 -9.80
N ASP A 131 22.91 -14.01 -10.60
CA ASP A 131 23.09 -14.18 -12.03
C ASP A 131 23.61 -12.90 -12.65
N LEU A 132 24.58 -12.27 -11.98
CA LEU A 132 25.17 -11.06 -12.55
C LEU A 132 26.08 -11.45 -13.71
N LYS A 133 25.75 -10.93 -14.88
CA LYS A 133 26.49 -11.12 -16.10
C LYS A 133 26.09 -9.97 -17.02
N PRO A 134 26.88 -9.61 -18.07
CA PRO A 134 26.59 -8.38 -18.83
C PRO A 134 25.25 -8.35 -19.56
N GLN A 135 24.74 -9.53 -19.92
CA GLN A 135 23.44 -9.70 -20.57
C GLN A 135 22.29 -9.28 -19.65
N ASN A 136 22.54 -9.20 -18.33
CA ASN A 136 21.52 -8.95 -17.32
C ASN A 136 21.71 -7.55 -16.70
N LEU A 137 22.55 -6.71 -17.33
CA LEU A 137 22.81 -5.35 -16.90
C LEU A 137 22.36 -4.43 -18.03
N LEU A 138 21.42 -3.53 -17.72
CA LEU A 138 20.77 -2.73 -18.74
C LEU A 138 21.25 -1.27 -18.67
N ILE A 139 21.49 -0.66 -19.84
CA ILE A 139 21.98 0.71 -19.90
C ILE A 139 20.95 1.56 -20.64
N ASN A 140 20.90 2.85 -20.29
CA ASN A 140 20.04 3.79 -21.01
C ASN A 140 20.91 4.84 -21.72
N THR A 141 20.24 5.77 -22.38
CA THR A 141 20.91 6.83 -23.11
C THR A 141 21.42 7.91 -22.15
N GLU A 142 21.02 7.89 -20.87
CA GLU A 142 21.45 8.96 -19.98
C GLU A 142 22.67 8.56 -19.12
N GLY A 143 23.21 7.35 -19.30
CA GLY A 143 24.43 7.02 -18.58
C GLY A 143 24.17 6.04 -17.44
N ALA A 144 22.91 5.63 -17.27
CA ALA A 144 22.59 4.75 -16.15
C ALA A 144 22.86 3.29 -16.54
N ILE A 145 23.27 2.48 -15.58
CA ILE A 145 23.32 1.03 -15.74
C ILE A 145 22.54 0.44 -14.55
N LYS A 146 21.74 -0.61 -14.82
CA LYS A 146 20.87 -1.17 -13.79
C LYS A 146 20.91 -2.70 -13.77
N LEU A 147 20.94 -3.26 -12.55
CA LEU A 147 20.75 -4.70 -12.34
C LEU A 147 19.36 -5.09 -12.86
N ALA A 148 19.33 -6.16 -13.66
CA ALA A 148 18.09 -6.70 -14.18
C ALA A 148 18.13 -8.23 -14.11
N ASP A 149 17.00 -8.82 -14.52
CA ASP A 149 16.72 -10.24 -14.49
C ASP A 149 16.92 -10.85 -13.11
N PHE A 150 15.90 -10.70 -12.26
CA PHE A 150 15.91 -11.18 -10.88
C PHE A 150 15.26 -12.57 -10.82
N GLY A 151 15.25 -13.27 -11.97
CA GLY A 151 14.61 -14.57 -12.08
C GLY A 151 15.30 -15.64 -11.22
N LEU A 152 16.59 -15.44 -10.90
CA LEU A 152 17.32 -16.38 -10.05
C LEU A 152 17.66 -15.81 -8.67
N ALA A 153 17.08 -14.68 -8.31
CA ALA A 153 17.39 -14.00 -7.06
C ALA A 153 16.76 -14.77 -5.89
N ARG A 154 17.06 -14.52 -4.72
CA ARG A 154 16.51 -15.21 -3.53
C ARG A 154 16.64 -14.35 -2.26
N ALA A 155 15.73 -14.29 -1.43
CA ALA A 155 15.77 -13.58 -0.15
C ALA A 155 16.53 -14.42 0.87
N PHE A 156 17.59 -13.84 1.45
CA PHE A 156 18.40 -14.63 2.36
C PHE A 156 18.09 -14.26 3.79
N GLY A 157 18.47 -15.16 4.70
CA GLY A 157 18.44 -14.95 6.14
C GLY A 157 19.86 -14.80 6.68
N VAL A 158 19.99 -14.34 7.92
CA VAL A 158 21.29 -14.04 8.49
C VAL A 158 21.42 -14.88 9.76
N PRO A 159 22.39 -15.83 9.89
CA PRO A 159 23.25 -16.29 8.81
C PRO A 159 22.49 -17.01 7.70
N VAL A 160 23.12 -17.09 6.50
CA VAL A 160 22.57 -17.81 5.37
C VAL A 160 22.42 -19.30 5.69
N ARG A 161 21.44 -19.88 5.03
CA ARG A 161 21.19 -21.31 5.04
C ARG A 161 21.75 -21.86 3.72
N THR A 162 21.69 -23.19 3.54
CA THR A 162 22.03 -23.78 2.26
C THR A 162 20.97 -23.38 1.23
N TYR A 163 21.40 -22.83 0.09
CA TYR A 163 20.47 -22.53 -0.98
C TYR A 163 20.83 -23.36 -2.21
N TPO A 164 20.23 -23.03 -3.35
CA TPO A 164 20.38 -23.83 -4.55
CB TPO A 164 19.43 -23.33 -5.65
CG2 TPO A 164 19.43 -24.21 -6.89
OG1 TPO A 164 18.08 -23.34 -5.07
P TPO A 164 17.27 -21.99 -4.80
O1P TPO A 164 18.09 -21.20 -3.79
O2P TPO A 164 15.92 -22.49 -4.29
O3P TPO A 164 17.17 -21.20 -6.11
C TPO A 164 21.85 -23.81 -4.98
O TPO A 164 22.46 -22.77 -5.15
N HIS A 165 22.40 -25.02 -5.11
CA HIS A 165 23.72 -25.16 -5.71
C HIS A 165 23.63 -24.85 -7.21
N GLU A 166 24.75 -24.39 -7.79
CA GLU A 166 24.77 -24.28 -9.25
C GLU A 166 23.77 -23.20 -9.62
N VAL A 167 24.10 -22.02 -9.11
CA VAL A 167 23.47 -20.77 -9.47
C VAL A 167 24.60 -20.03 -10.17
N VAL A 168 24.25 -18.96 -10.88
CA VAL A 168 25.20 -18.06 -11.52
C VAL A 168 25.63 -18.68 -12.85
N THR A 169 25.56 -17.91 -13.94
CA THR A 169 26.06 -18.41 -15.21
C THR A 169 27.56 -18.70 -15.01
N LEU A 170 28.00 -19.81 -15.59
CA LEU A 170 29.26 -20.48 -15.30
C LEU A 170 30.43 -19.52 -15.30
N TRP A 171 30.54 -18.67 -16.34
CA TRP A 171 31.72 -17.83 -16.46
C TRP A 171 31.82 -16.81 -15.32
N TYR A 172 30.72 -16.59 -14.59
CA TYR A 172 30.62 -15.55 -13.57
C TYR A 172 30.52 -16.17 -12.18
N ARG A 173 30.68 -17.50 -12.09
CA ARG A 173 30.40 -18.25 -10.88
C ARG A 173 31.64 -18.28 -9.99
N ALA A 174 31.41 -18.05 -8.69
CA ALA A 174 32.44 -17.95 -7.67
C ALA A 174 33.03 -19.32 -7.32
N PRO A 175 34.31 -19.34 -6.90
CA PRO A 175 35.00 -20.59 -6.59
C PRO A 175 34.29 -21.42 -5.52
N GLU A 176 33.65 -20.77 -4.56
CA GLU A 176 33.04 -21.49 -3.44
C GLU A 176 31.80 -22.27 -3.92
N ILE A 177 31.15 -21.77 -5.00
CA ILE A 177 30.05 -22.52 -5.59
C ILE A 177 30.64 -23.69 -6.38
N LEU A 178 31.70 -23.44 -7.14
CA LEU A 178 32.33 -24.48 -7.94
C LEU A 178 32.87 -25.59 -7.05
N LEU A 179 33.27 -25.25 -5.81
CA LEU A 179 33.79 -26.26 -4.90
C LEU A 179 32.71 -26.90 -4.04
N GLY A 180 31.42 -26.59 -4.32
CA GLY A 180 30.31 -27.29 -3.67
C GLY A 180 30.10 -26.91 -2.21
N CYS A 181 30.53 -25.70 -1.81
CA CYS A 181 30.46 -25.33 -0.40
C CYS A 181 29.01 -25.40 0.09
N LYS A 182 28.84 -25.76 1.37
CA LYS A 182 27.53 -25.87 1.98
C LYS A 182 26.85 -24.50 1.98
N TYR A 183 27.64 -23.45 2.18
CA TYR A 183 27.11 -22.11 2.30
C TYR A 183 27.82 -21.16 1.34
N TYR A 184 27.02 -20.26 0.77
CA TYR A 184 27.53 -19.11 0.05
C TYR A 184 26.67 -17.91 0.45
N SER A 185 27.19 -16.73 0.16
CA SER A 185 26.66 -15.48 0.64
C SER A 185 26.82 -14.40 -0.43
N THR A 186 26.78 -13.14 0.05
CA THR A 186 26.78 -11.95 -0.79
C THR A 186 28.07 -11.89 -1.62
N ALA A 187 29.14 -12.53 -1.13
CA ALA A 187 30.42 -12.61 -1.81
C ALA A 187 30.26 -13.21 -3.21
N VAL A 188 29.25 -14.08 -3.47
CA VAL A 188 29.13 -14.62 -4.82
C VAL A 188 28.80 -13.50 -5.84
N ASP A 189 28.05 -12.46 -5.43
CA ASP A 189 27.65 -11.41 -6.35
C ASP A 189 28.84 -10.50 -6.66
N ILE A 190 29.71 -10.29 -5.67
CA ILE A 190 30.92 -9.51 -5.87
C ILE A 190 31.84 -10.21 -6.87
N TRP A 191 31.97 -11.54 -6.73
CA TRP A 191 32.81 -12.28 -7.66
C TRP A 191 32.36 -12.03 -9.09
N SER A 192 31.06 -12.17 -9.36
CA SER A 192 30.48 -11.86 -10.67
C SER A 192 30.83 -10.45 -11.16
N LEU A 193 30.65 -9.43 -10.33
CA LEU A 193 30.92 -8.05 -10.68
C LEU A 193 32.42 -7.89 -10.98
N GLY A 194 33.28 -8.60 -10.23
CA GLY A 194 34.70 -8.59 -10.52
C GLY A 194 34.97 -9.08 -11.94
N CYS A 195 34.34 -10.21 -12.31
CA CYS A 195 34.54 -10.72 -13.66
C CYS A 195 34.04 -9.68 -14.64
N ILE A 196 32.92 -9.00 -14.31
CA ILE A 196 32.32 -8.03 -15.21
C ILE A 196 33.25 -6.83 -15.38
N PHE A 197 33.90 -6.40 -14.28
CA PHE A 197 34.85 -5.29 -14.29
C PHE A 197 35.95 -5.59 -15.32
N ALA A 198 36.64 -6.72 -15.16
CA ALA A 198 37.71 -7.15 -16.06
C ALA A 198 37.22 -7.17 -17.51
N GLU A 199 35.98 -7.67 -17.71
CA GLU A 199 35.40 -7.83 -19.03
C GLU A 199 35.09 -6.48 -19.69
N MET A 200 34.69 -5.50 -18.88
CA MET A 200 34.46 -4.16 -19.41
C MET A 200 35.77 -3.57 -19.95
N VAL A 201 36.91 -3.90 -19.32
CA VAL A 201 38.21 -3.37 -19.69
C VAL A 201 38.75 -4.07 -20.96
N THR A 202 38.62 -5.40 -21.05
CA THR A 202 39.19 -6.21 -22.14
C THR A 202 38.16 -6.49 -23.25
N ARG A 203 36.87 -6.46 -22.93
CA ARG A 203 35.78 -6.77 -23.90
C ARG A 203 35.72 -8.29 -24.09
N ARG A 204 36.40 -9.08 -23.27
CA ARG A 204 36.26 -10.53 -23.31
C ARG A 204 36.12 -11.11 -21.90
N ALA A 205 35.49 -12.29 -21.79
CA ALA A 205 35.25 -12.88 -20.47
C ALA A 205 36.59 -13.25 -19.82
N LEU A 206 36.70 -13.03 -18.52
CA LEU A 206 37.92 -13.28 -17.77
C LEU A 206 38.18 -14.78 -17.63
N PHE A 207 37.14 -15.57 -17.31
CA PHE A 207 37.28 -17.01 -17.09
C PHE A 207 36.23 -17.76 -17.92
N PRO A 208 36.42 -17.91 -19.26
CA PRO A 208 35.43 -18.58 -20.11
C PRO A 208 35.54 -20.10 -20.13
N GLY A 209 35.09 -20.75 -19.07
CA GLY A 209 35.22 -22.20 -18.98
C GLY A 209 34.16 -22.94 -19.76
N ASP A 210 34.42 -24.21 -20.05
CA ASP A 210 33.47 -25.04 -20.82
C ASP A 210 32.82 -26.04 -19.86
N SER A 211 33.34 -26.11 -18.64
CA SER A 211 32.84 -27.10 -17.66
C SER A 211 33.06 -26.57 -16.26
N GLU A 212 32.39 -27.16 -15.27
CA GLU A 212 32.74 -26.75 -13.91
C GLU A 212 34.24 -26.90 -13.67
N ILE A 213 34.85 -28.01 -14.10
CA ILE A 213 36.23 -28.23 -13.69
C ILE A 213 37.16 -27.31 -14.49
N ASP A 214 36.82 -27.10 -15.77
CA ASP A 214 37.59 -26.21 -16.60
C ASP A 214 37.48 -24.76 -16.11
N GLN A 215 36.28 -24.37 -15.67
CA GLN A 215 36.07 -23.07 -15.03
C GLN A 215 37.03 -22.89 -13.85
N LEU A 216 37.04 -23.84 -12.92
CA LEU A 216 37.88 -23.77 -11.74
C LEU A 216 39.37 -23.70 -12.13
N PHE A 217 39.79 -24.55 -13.11
CA PHE A 217 41.17 -24.61 -13.53
C PHE A 217 41.58 -23.28 -14.17
N ARG A 218 40.66 -22.64 -14.89
CA ARG A 218 40.94 -21.33 -15.46
C ARG A 218 41.18 -20.28 -14.39
N ILE A 219 40.35 -20.34 -13.36
CA ILE A 219 40.49 -19.42 -12.25
C ILE A 219 41.86 -19.64 -11.58
N PHE A 220 42.16 -20.92 -11.29
CA PHE A 220 43.37 -21.31 -10.57
C PHE A 220 44.62 -20.84 -11.34
N ARG A 221 44.60 -20.94 -12.67
CA ARG A 221 45.74 -20.62 -13.53
C ARG A 221 45.96 -19.11 -13.58
N THR A 222 44.94 -18.31 -13.26
CA THR A 222 45.04 -16.86 -13.27
C THR A 222 45.44 -16.34 -11.88
N LEU A 223 44.82 -16.88 -10.83
CA LEU A 223 44.88 -16.32 -9.49
C LEU A 223 45.73 -17.21 -8.60
N GLY A 224 46.11 -18.38 -9.13
CA GLY A 224 46.94 -19.33 -8.41
C GLY A 224 46.02 -20.36 -7.75
N THR A 225 46.50 -21.60 -7.59
CA THR A 225 45.66 -22.60 -6.96
C THR A 225 45.58 -22.23 -5.47
N PRO A 226 44.38 -22.07 -4.88
CA PRO A 226 44.31 -21.67 -3.47
C PRO A 226 44.76 -22.80 -2.54
N ASP A 227 45.48 -22.44 -1.47
CA ASP A 227 45.83 -23.36 -0.39
C ASP A 227 45.28 -22.83 0.94
N GLU A 228 45.63 -23.52 2.05
CA GLU A 228 45.03 -23.22 3.35
C GLU A 228 45.41 -21.81 3.80
N VAL A 229 46.58 -21.34 3.35
CA VAL A 229 47.06 -20.01 3.69
C VAL A 229 46.19 -18.93 3.05
N VAL A 230 46.03 -18.96 1.72
CA VAL A 230 45.20 -17.95 1.09
C VAL A 230 43.73 -18.12 1.50
N TRP A 231 43.30 -19.37 1.78
CA TRP A 231 41.87 -19.63 1.91
C TRP A 231 41.64 -20.77 2.90
N PRO A 232 41.59 -20.47 4.21
CA PRO A 232 41.44 -21.54 5.22
C PRO A 232 40.16 -22.34 4.93
N GLY A 233 40.28 -23.68 5.01
CA GLY A 233 39.15 -24.59 4.76
C GLY A 233 39.06 -25.10 3.32
N VAL A 234 39.73 -24.45 2.38
CA VAL A 234 39.59 -24.81 0.98
C VAL A 234 39.84 -26.31 0.77
N THR A 235 40.88 -26.88 1.38
CA THR A 235 41.28 -28.27 1.14
C THR A 235 40.24 -29.25 1.71
N SER A 236 39.26 -28.75 2.48
CA SER A 236 38.22 -29.58 3.09
C SER A 236 36.94 -29.55 2.26
N MET A 237 36.88 -28.65 1.29
CA MET A 237 35.61 -28.36 0.64
C MET A 237 35.14 -29.56 -0.18
N PRO A 238 33.82 -29.82 -0.25
CA PRO A 238 33.32 -31.08 -0.82
C PRO A 238 33.93 -31.53 -2.15
N ASP A 239 34.16 -30.57 -3.07
CA ASP A 239 34.65 -30.88 -4.41
C ASP A 239 36.06 -30.36 -4.60
N TYR A 240 36.75 -30.09 -3.47
CA TYR A 240 38.19 -29.94 -3.50
C TYR A 240 38.84 -31.30 -3.64
N LYS A 241 39.86 -31.40 -4.49
CA LYS A 241 40.62 -32.62 -4.71
C LYS A 241 42.11 -32.33 -4.51
N PRO A 242 42.83 -33.07 -3.63
CA PRO A 242 44.27 -32.89 -3.47
C PRO A 242 45.08 -33.01 -4.77
N SER A 243 44.56 -33.75 -5.76
CA SER A 243 45.23 -33.93 -7.04
C SER A 243 45.17 -32.68 -7.92
N PHE A 244 44.34 -31.69 -7.57
CA PHE A 244 44.29 -30.43 -8.29
C PHE A 244 45.69 -29.92 -8.59
N PRO A 245 45.98 -29.49 -9.84
CA PRO A 245 47.29 -28.93 -10.17
C PRO A 245 47.47 -27.67 -9.32
N LYS A 246 48.73 -27.39 -8.97
CA LYS A 246 49.01 -26.24 -8.13
C LYS A 246 49.68 -25.17 -8.98
N TRP A 247 48.90 -24.24 -9.52
CA TRP A 247 49.43 -23.18 -10.36
C TRP A 247 49.85 -22.02 -9.46
N ALA A 248 50.95 -21.38 -9.83
CA ALA A 248 51.44 -20.21 -9.13
C ALA A 248 50.51 -19.04 -9.45
N ARG A 249 50.40 -18.14 -8.48
CA ARG A 249 49.58 -16.92 -8.68
C ARG A 249 50.39 -16.02 -9.58
N GLN A 250 49.75 -15.51 -10.63
CA GLN A 250 50.42 -14.58 -11.56
C GLN A 250 50.20 -13.16 -11.05
N ASP A 251 51.10 -12.24 -11.39
CA ASP A 251 50.96 -10.82 -11.00
C ASP A 251 49.69 -10.27 -11.65
N PHE A 252 48.83 -9.61 -10.88
CA PHE A 252 47.54 -9.08 -11.40
C PHE A 252 47.78 -8.08 -12.51
N SER A 253 48.98 -7.52 -12.58
CA SER A 253 49.33 -6.59 -13.68
C SER A 253 49.22 -7.34 -15.01
N LYS A 254 49.30 -8.66 -14.96
CA LYS A 254 49.26 -9.46 -16.20
C LYS A 254 47.86 -10.03 -16.41
N VAL A 255 47.01 -9.95 -15.38
CA VAL A 255 45.66 -10.45 -15.53
C VAL A 255 44.83 -9.48 -16.37
N VAL A 256 44.94 -8.18 -16.10
CA VAL A 256 44.32 -7.13 -16.90
C VAL A 256 45.31 -5.99 -17.11
N PRO A 257 46.26 -6.17 -18.08
CA PRO A 257 47.35 -5.22 -18.35
C PRO A 257 47.03 -3.72 -18.45
N PRO A 258 45.92 -3.30 -19.11
CA PRO A 258 45.59 -1.88 -19.19
C PRO A 258 45.18 -1.20 -17.89
N LEU A 259 44.80 -1.98 -16.84
CA LEU A 259 44.32 -1.43 -15.58
C LEU A 259 45.45 -0.72 -14.80
N ASP A 260 45.13 0.45 -14.22
CA ASP A 260 46.00 1.26 -13.35
C ASP A 260 46.14 0.59 -11.98
N GLU A 261 47.02 1.07 -11.09
CA GLU A 261 47.19 0.56 -9.73
C GLU A 261 45.88 0.44 -8.91
N ASP A 262 45.04 1.48 -8.95
CA ASP A 262 43.79 1.54 -8.20
C ASP A 262 42.82 0.45 -8.68
N GLY A 263 42.59 0.45 -9.99
CA GLY A 263 41.78 -0.55 -10.66
C GLY A 263 42.22 -1.95 -10.26
N ARG A 264 43.53 -2.22 -10.33
CA ARG A 264 44.08 -3.53 -9.98
C ARG A 264 43.80 -3.87 -8.52
N SER A 265 44.00 -2.88 -7.64
CA SER A 265 43.74 -3.08 -6.24
C SER A 265 42.29 -3.52 -6.04
N LEU A 266 41.37 -2.80 -6.69
CA LEU A 266 39.96 -3.07 -6.47
C LEU A 266 39.60 -4.45 -7.06
N LEU A 267 40.09 -4.72 -8.28
CA LEU A 267 39.80 -5.98 -8.95
C LEU A 267 40.28 -7.13 -8.06
N SER A 268 41.50 -7.01 -7.55
CA SER A 268 42.04 -8.04 -6.69
C SER A 268 41.14 -8.28 -5.46
N GLN A 269 40.48 -7.24 -4.94
CA GLN A 269 39.73 -7.43 -3.72
C GLN A 269 38.37 -8.06 -4.03
N MET A 270 37.90 -7.87 -5.26
CA MET A 270 36.67 -8.50 -5.70
C MET A 270 36.85 -10.00 -5.97
N LEU A 271 38.08 -10.39 -6.33
CA LEU A 271 38.41 -11.73 -6.78
C LEU A 271 39.26 -12.46 -5.74
N HIS A 272 39.14 -12.03 -4.50
CA HIS A 272 39.82 -12.73 -3.43
C HIS A 272 39.18 -14.11 -3.30
N TYR A 273 40.00 -15.16 -3.08
CA TYR A 273 39.45 -16.50 -2.98
C TYR A 273 38.49 -16.60 -1.79
N ASP A 274 38.98 -16.15 -0.63
CA ASP A 274 38.31 -16.37 0.62
C ASP A 274 37.07 -15.49 0.67
N PRO A 275 35.82 -16.03 0.66
CA PRO A 275 34.61 -15.20 0.66
C PRO A 275 34.57 -14.20 1.80
N ASN A 276 35.21 -14.52 2.94
CA ASN A 276 35.26 -13.64 4.09
C ASN A 276 36.15 -12.40 3.87
N LYS A 277 37.20 -12.51 3.04
CA LYS A 277 38.10 -11.39 2.79
C LYS A 277 37.68 -10.62 1.54
N ARG A 278 36.86 -11.23 0.67
CA ARG A 278 36.43 -10.55 -0.53
C ARG A 278 35.73 -9.24 -0.15
N ILE A 279 35.94 -8.17 -0.90
CA ILE A 279 35.35 -6.89 -0.55
C ILE A 279 33.82 -6.94 -0.72
N SER A 280 33.10 -6.21 0.14
CA SER A 280 31.66 -6.03 0.03
C SER A 280 31.36 -4.91 -0.97
N ALA A 281 30.16 -4.90 -1.58
CA ALA A 281 29.80 -3.79 -2.45
C ALA A 281 29.80 -2.45 -1.70
N LYS A 282 29.30 -2.44 -0.46
CA LYS A 282 29.28 -1.23 0.37
C LYS A 282 30.70 -0.66 0.54
N ALA A 283 31.66 -1.51 0.90
CA ALA A 283 33.02 -1.02 1.16
C ALA A 283 33.72 -0.60 -0.15
N ALA A 284 33.38 -1.26 -1.28
CA ALA A 284 34.02 -1.00 -2.56
C ALA A 284 33.73 0.42 -3.04
N LEU A 285 32.56 0.95 -2.68
CA LEU A 285 32.14 2.30 -3.07
C LEU A 285 33.18 3.35 -2.69
N ALA A 286 33.99 3.05 -1.65
CA ALA A 286 34.97 4.01 -1.13
C ALA A 286 36.37 3.81 -1.71
N HIS A 287 36.53 2.81 -2.57
CA HIS A 287 37.85 2.53 -3.13
C HIS A 287 38.38 3.74 -3.90
N PRO A 288 39.68 4.07 -3.74
CA PRO A 288 40.32 5.15 -4.49
C PRO A 288 40.10 5.15 -6.00
N PHE A 289 39.81 3.97 -6.57
CA PHE A 289 39.51 3.89 -8.00
C PHE A 289 38.38 4.86 -8.39
N PHE A 290 37.42 5.09 -7.50
CA PHE A 290 36.30 5.94 -7.86
C PHE A 290 36.54 7.44 -7.57
N GLN A 291 37.74 7.84 -7.08
CA GLN A 291 38.01 9.23 -6.69
C GLN A 291 37.47 10.25 -7.69
N ASP A 292 37.59 9.98 -9.00
CA ASP A 292 37.27 10.98 -10.02
C ASP A 292 36.04 10.55 -10.82
N VAL A 293 35.20 9.66 -10.26
CA VAL A 293 34.07 9.09 -10.97
C VAL A 293 33.05 10.20 -11.32
N THR A 294 32.50 10.07 -12.53
CA THR A 294 31.42 10.90 -13.06
C THR A 294 30.36 9.97 -13.65
N LYS A 295 29.32 10.50 -14.28
CA LYS A 295 28.29 9.66 -14.90
C LYS A 295 28.03 10.08 -16.36
N PRO A 296 29.01 9.89 -17.28
CA PRO A 296 28.79 10.32 -18.67
C PRO A 296 27.76 9.42 -19.36
N VAL A 297 27.03 9.96 -20.33
CA VAL A 297 26.19 9.20 -21.26
C VAL A 297 27.08 8.19 -22.01
N PRO A 298 26.51 7.08 -22.53
CA PRO A 298 27.28 6.18 -23.38
C PRO A 298 27.65 6.90 -24.67
N HIS A 299 28.77 6.46 -25.25
CA HIS A 299 29.49 7.07 -26.34
C HIS A 299 28.90 6.66 -27.70
N LEU A 300 27.82 5.84 -27.78
CA LEU A 300 27.47 5.26 -29.08
C LEU A 300 26.05 5.63 -29.53
N GLY B 1 33.01 -14.88 8.45
CA GLY B 1 31.85 -14.08 8.89
C GLY B 1 30.91 -13.68 7.73
N VAL B 2 31.27 -13.98 6.46
CA VAL B 2 30.48 -13.53 5.32
C VAL B 2 29.10 -14.19 5.29
N ASN B 3 29.00 -15.43 5.79
CA ASN B 3 27.75 -16.15 5.97
C ASN B 3 26.82 -15.43 6.94
N GLU B 4 27.40 -14.58 7.78
CA GLU B 4 26.69 -13.75 8.76
C GLU B 4 26.66 -12.29 8.30
N VAL B 5 27.05 -12.05 7.03
CA VAL B 5 27.06 -10.75 6.37
C VAL B 5 27.32 -9.60 7.34
N PRO B 6 28.53 -9.52 7.93
CA PRO B 6 28.93 -8.37 8.73
C PRO B 6 28.63 -6.96 8.19
N ASP B 7 28.75 -6.75 6.87
CA ASP B 7 28.62 -5.41 6.32
C ASP B 7 27.15 -5.00 6.11
N TYR B 8 26.21 -5.93 6.36
CA TYR B 8 24.82 -5.75 5.99
C TYR B 8 23.86 -6.15 7.10
N HIS B 9 24.33 -6.83 8.16
CA HIS B 9 23.39 -7.42 9.13
C HIS B 9 22.55 -6.35 9.85
N GLU B 10 23.13 -5.17 10.11
CA GLU B 10 22.39 -4.05 10.72
C GLU B 10 21.37 -3.43 9.77
N ASP B 11 21.78 -3.14 8.51
CA ASP B 11 20.84 -2.70 7.49
C ASP B 11 19.68 -3.69 7.33
N ILE B 12 19.99 -4.99 7.31
CA ILE B 12 18.98 -6.02 7.13
C ILE B 12 18.02 -6.02 8.32
N HIS B 13 18.57 -6.03 9.53
CA HIS B 13 17.76 -6.00 10.74
C HIS B 13 16.80 -4.79 10.71
N THR B 14 17.35 -3.60 10.43
CA THR B 14 16.54 -2.38 10.37
C THR B 14 15.40 -2.53 9.37
N TYR B 15 15.72 -3.15 8.22
CA TYR B 15 14.79 -3.30 7.11
C TYR B 15 13.66 -4.26 7.49
N LEU B 16 14.00 -5.39 8.13
CA LEU B 16 13.03 -6.36 8.62
C LEU B 16 12.09 -5.72 9.65
N ARG B 17 12.61 -4.78 10.45
CA ARG B 17 11.84 -4.11 11.48
C ARG B 17 10.76 -3.23 10.85
N GLU B 18 11.14 -2.57 9.75
CA GLU B 18 10.17 -1.80 8.98
C GLU B 18 9.14 -2.74 8.32
N MET B 19 9.61 -3.78 7.63
CA MET B 19 8.76 -4.68 6.88
C MET B 19 7.77 -5.43 7.77
N GLU B 20 8.19 -5.82 8.97
CA GLU B 20 7.32 -6.58 9.86
C GLU B 20 6.06 -5.78 10.21
N VAL B 21 6.19 -4.46 10.41
CA VAL B 21 5.04 -3.60 10.58
C VAL B 21 4.15 -3.60 9.32
N LYS B 22 4.74 -3.53 8.13
CA LYS B 22 3.93 -3.52 6.92
C LYS B 22 3.24 -4.88 6.70
N CYS B 23 3.91 -6.00 7.06
CA CYS B 23 3.36 -7.33 6.81
C CYS B 23 2.51 -7.84 7.97
N LYS B 24 2.13 -6.96 8.91
CA LYS B 24 1.45 -7.41 10.12
C LYS B 24 -0.02 -7.67 9.79
N PRO B 25 -0.61 -8.78 10.30
CA PRO B 25 -2.03 -8.99 10.15
C PRO B 25 -2.85 -8.10 11.07
N LYS B 26 -4.13 -8.02 10.84
CA LYS B 26 -5.02 -7.24 11.73
C LYS B 26 -5.19 -8.02 13.04
N VAL B 27 -4.89 -7.41 14.15
CA VAL B 27 -4.92 -8.12 15.45
C VAL B 27 -6.32 -8.66 15.71
N GLY B 28 -7.37 -7.96 15.27
CA GLY B 28 -8.66 -8.51 15.67
C GLY B 28 -9.45 -9.24 14.56
N TYR B 29 -8.75 -9.93 13.63
CA TYR B 29 -9.39 -10.28 12.38
C TYR B 29 -10.47 -11.33 12.63
N MET B 30 -10.26 -12.17 13.65
CA MET B 30 -11.07 -13.37 13.82
C MET B 30 -12.50 -13.04 14.26
N LYS B 31 -12.59 -11.81 14.94
CA LYS B 31 -13.93 -11.34 15.37
C LYS B 31 -14.79 -11.02 14.12
N LYS B 32 -14.15 -10.54 13.04
CA LYS B 32 -14.90 -10.15 11.82
C LYS B 32 -15.05 -11.36 10.89
N GLN B 33 -14.52 -12.52 11.26
CA GLN B 33 -14.76 -13.73 10.48
C GLN B 33 -16.00 -14.46 11.01
N PRO B 34 -17.11 -14.53 10.25
CA PRO B 34 -18.38 -15.04 10.77
C PRO B 34 -18.35 -16.53 11.09
N ASP B 35 -17.56 -17.29 10.32
CA ASP B 35 -17.73 -18.74 10.24
C ASP B 35 -16.50 -19.53 10.70
N ILE B 36 -15.39 -18.84 11.00
CA ILE B 36 -14.17 -19.47 11.49
C ILE B 36 -13.70 -18.76 12.76
N THR B 37 -12.82 -19.46 13.50
CA THR B 37 -12.46 -19.11 14.87
C THR B 37 -10.97 -19.36 15.11
N ASN B 38 -10.48 -18.82 16.23
CA ASN B 38 -9.10 -19.00 16.64
C ASN B 38 -8.79 -20.50 16.71
N SER B 39 -9.77 -21.26 17.18
CA SER B 39 -9.66 -22.69 17.38
C SER B 39 -9.45 -23.44 16.05
N MET B 40 -10.24 -23.11 15.01
CA MET B 40 -10.05 -23.69 13.68
C MET B 40 -8.70 -23.29 13.09
N ARG B 41 -8.24 -22.06 13.35
CA ARG B 41 -6.94 -21.63 12.87
C ARG B 41 -5.85 -22.46 13.53
N ALA B 42 -6.03 -22.76 14.82
CA ALA B 42 -5.10 -23.57 15.60
C ALA B 42 -4.99 -24.97 14.96
N ILE B 43 -6.13 -25.56 14.64
CA ILE B 43 -6.16 -26.83 13.94
C ILE B 43 -5.41 -26.75 12.60
N LEU B 44 -5.60 -25.67 11.84
CA LEU B 44 -5.00 -25.55 10.52
C LEU B 44 -3.49 -25.43 10.64
N VAL B 45 -3.05 -24.52 11.51
CA VAL B 45 -1.61 -24.32 11.69
C VAL B 45 -0.96 -25.63 12.15
N ASP B 46 -1.61 -26.35 13.08
CA ASP B 46 -1.08 -27.58 13.61
C ASP B 46 -0.90 -28.59 12.49
N TRP B 47 -1.87 -28.62 11.55
CA TRP B 47 -1.82 -29.47 10.37
C TRP B 47 -0.64 -29.08 9.48
N LEU B 48 -0.46 -27.77 9.31
CA LEU B 48 0.63 -27.27 8.45
C LEU B 48 1.98 -27.71 9.01
N VAL B 49 2.07 -27.78 10.33
CA VAL B 49 3.26 -28.24 11.01
C VAL B 49 3.55 -29.68 10.59
N GLU B 50 2.53 -30.53 10.64
CA GLU B 50 2.66 -31.92 10.23
C GLU B 50 3.07 -31.99 8.76
N VAL B 51 2.41 -31.22 7.89
CA VAL B 51 2.74 -31.22 6.47
C VAL B 51 4.22 -30.90 6.27
N GLY B 52 4.71 -29.82 6.93
CA GLY B 52 6.12 -29.44 6.92
C GLY B 52 7.05 -30.58 7.36
N GLU B 53 6.69 -31.33 8.41
N GLU B 53 6.66 -31.35 8.37
CA GLU B 53 7.43 -32.50 8.87
CA GLU B 53 7.49 -32.47 8.80
C GLU B 53 7.38 -33.60 7.81
C GLU B 53 7.39 -33.59 7.77
N GLU B 54 6.20 -33.84 7.24
CA GLU B 54 5.99 -34.91 6.27
C GLU B 54 6.87 -34.69 5.05
N TYR B 55 6.97 -33.43 4.58
CA TYR B 55 7.69 -33.14 3.34
C TYR B 55 9.06 -32.56 3.62
N LYS B 56 9.44 -32.47 4.90
CA LYS B 56 10.78 -32.04 5.27
C LYS B 56 11.02 -30.60 4.78
N LEU B 57 10.04 -29.74 5.00
CA LEU B 57 10.12 -28.34 4.63
C LEU B 57 10.91 -27.62 5.70
N GLN B 58 11.54 -26.51 5.31
CA GLN B 58 12.15 -25.60 6.26
C GLN B 58 11.09 -25.10 7.24
N ASN B 59 11.55 -24.75 8.45
CA ASN B 59 10.74 -24.02 9.42
C ASN B 59 10.32 -22.67 8.86
N GLU B 60 11.24 -22.02 8.14
CA GLU B 60 10.97 -20.70 7.60
C GLU B 60 9.72 -20.73 6.70
N THR B 61 9.57 -21.81 5.94
CA THR B 61 8.44 -22.04 5.06
C THR B 61 7.13 -22.05 5.83
N LEU B 62 7.08 -22.81 6.93
CA LEU B 62 5.93 -22.86 7.82
C LEU B 62 5.57 -21.46 8.30
N HIS B 63 6.56 -20.70 8.77
CA HIS B 63 6.33 -19.36 9.26
C HIS B 63 5.79 -18.42 8.18
N LEU B 64 6.29 -18.52 6.94
CA LEU B 64 5.83 -17.70 5.83
C LEU B 64 4.35 -18.00 5.57
N ALA B 65 4.03 -19.29 5.52
CA ALA B 65 2.69 -19.74 5.21
C ALA B 65 1.68 -19.15 6.21
N VAL B 66 2.06 -19.17 7.49
CA VAL B 66 1.18 -18.66 8.53
C VAL B 66 1.00 -17.16 8.31
N ASN B 67 2.10 -16.43 8.00
CA ASN B 67 2.02 -15.01 7.69
C ASN B 67 1.01 -14.78 6.55
N TYR B 68 1.10 -15.59 5.48
CA TYR B 68 0.25 -15.41 4.31
C TYR B 68 -1.23 -15.62 4.68
N ILE B 69 -1.48 -16.65 5.51
CA ILE B 69 -2.82 -17.03 5.94
C ILE B 69 -3.43 -15.90 6.75
N ASP B 70 -2.70 -15.37 7.72
CA ASP B 70 -3.30 -14.37 8.65
C ASP B 70 -3.55 -13.06 7.91
N ARG B 71 -2.70 -12.72 6.94
CA ARG B 71 -2.88 -11.47 6.16
C ARG B 71 -4.07 -11.63 5.21
N PHE B 72 -4.22 -12.80 4.60
CA PHE B 72 -5.38 -13.06 3.71
C PHE B 72 -6.65 -13.02 4.53
N LEU B 73 -6.61 -13.63 5.71
CA LEU B 73 -7.83 -13.74 6.50
C LEU B 73 -8.18 -12.39 7.11
N SER B 74 -7.22 -11.45 7.08
CA SER B 74 -7.40 -10.09 7.56
C SER B 74 -8.30 -9.31 6.60
N SER B 75 -8.39 -9.72 5.32
CA SER B 75 -9.22 -8.99 4.36
C SER B 75 -10.24 -9.87 3.64
N MET B 76 -10.18 -11.20 3.81
CA MET B 76 -11.06 -12.11 3.07
C MET B 76 -11.82 -13.00 4.05
N SER B 77 -13.14 -12.86 3.99
CA SER B 77 -14.06 -13.67 4.75
C SER B 77 -14.04 -15.07 4.12
N VAL B 78 -13.93 -16.13 4.93
CA VAL B 78 -13.75 -17.51 4.46
C VAL B 78 -14.67 -18.47 5.23
N LEU B 79 -15.40 -19.33 4.48
CA LEU B 79 -16.20 -20.41 5.06
C LEU B 79 -15.27 -21.53 5.58
N ARG B 80 -15.69 -22.20 6.66
CA ARG B 80 -14.87 -23.18 7.36
C ARG B 80 -14.43 -24.29 6.40
N GLY B 81 -15.29 -24.68 5.44
CA GLY B 81 -14.96 -25.70 4.45
C GLY B 81 -13.92 -25.26 3.41
N LYS B 82 -13.50 -23.99 3.45
CA LYS B 82 -12.45 -23.49 2.56
C LYS B 82 -11.23 -23.04 3.33
N LEU B 83 -11.24 -23.14 4.66
CA LEU B 83 -10.09 -22.69 5.43
C LEU B 83 -8.84 -23.46 5.00
N GLN B 84 -9.01 -24.77 4.76
CA GLN B 84 -7.90 -25.67 4.44
C GLN B 84 -7.39 -25.40 3.02
N LEU B 85 -8.26 -24.87 2.14
CA LEU B 85 -7.82 -24.54 0.80
C LEU B 85 -6.90 -23.33 0.85
N VAL B 86 -7.23 -22.34 1.70
CA VAL B 86 -6.39 -21.16 1.89
C VAL B 86 -5.04 -21.61 2.40
N GLY B 87 -5.05 -22.42 3.47
CA GLY B 87 -3.86 -23.00 4.07
C GLY B 87 -2.98 -23.77 3.08
N THR B 88 -3.57 -24.63 2.26
CA THR B 88 -2.79 -25.40 1.29
C THR B 88 -2.13 -24.46 0.29
N ALA B 89 -2.88 -23.47 -0.23
CA ALA B 89 -2.32 -22.54 -1.21
C ALA B 89 -1.23 -21.68 -0.57
N ALA B 90 -1.43 -21.32 0.70
CA ALA B 90 -0.43 -20.57 1.44
C ALA B 90 0.87 -21.37 1.55
N MET B 91 0.79 -22.66 1.91
CA MET B 91 1.94 -23.54 2.04
C MET B 91 2.63 -23.74 0.69
N LEU B 92 1.85 -23.88 -0.40
CA LEU B 92 2.40 -23.97 -1.74
C LEU B 92 3.21 -22.73 -2.10
N LEU B 93 2.66 -21.53 -1.85
CA LEU B 93 3.33 -20.29 -2.21
C LEU B 93 4.62 -20.18 -1.39
N ALA B 94 4.52 -20.40 -0.07
CA ALA B 94 5.67 -20.38 0.83
C ALA B 94 6.76 -21.34 0.33
N SER B 95 6.39 -22.56 -0.08
CA SER B 95 7.35 -23.56 -0.56
C SER B 95 8.07 -23.09 -1.82
N LYS B 96 7.33 -22.59 -2.82
CA LYS B 96 7.96 -22.06 -4.02
C LYS B 96 8.88 -20.88 -3.69
N PHE B 97 8.50 -20.01 -2.73
CA PHE B 97 9.36 -18.90 -2.35
C PHE B 97 10.67 -19.38 -1.73
N GLU B 98 10.58 -20.28 -0.74
CA GLU B 98 11.62 -20.51 0.25
C GLU B 98 12.41 -21.79 0.00
N GLU B 99 11.80 -22.82 -0.64
CA GLU B 99 12.40 -24.13 -0.79
C GLU B 99 13.22 -24.28 -2.07
N ILE B 100 14.36 -24.97 -1.95
CA ILE B 100 15.16 -25.40 -3.08
C ILE B 100 14.30 -26.35 -3.89
N TYR B 101 13.66 -27.31 -3.22
CA TYR B 101 12.82 -28.30 -3.88
C TYR B 101 11.41 -28.28 -3.30
N PRO B 102 10.51 -27.41 -3.81
CA PRO B 102 9.15 -27.39 -3.26
C PRO B 102 8.49 -28.71 -3.68
N PRO B 103 7.52 -29.21 -2.90
CA PRO B 103 6.73 -30.38 -3.35
C PRO B 103 5.88 -29.97 -4.55
N GLU B 104 5.59 -30.91 -5.44
CA GLU B 104 4.72 -30.63 -6.58
C GLU B 104 3.32 -30.28 -6.08
N VAL B 105 2.55 -29.58 -6.94
CA VAL B 105 1.17 -29.22 -6.65
C VAL B 105 0.35 -30.48 -6.30
N ALA B 106 0.56 -31.57 -7.05
CA ALA B 106 -0.16 -32.80 -6.86
C ALA B 106 -0.03 -33.27 -5.40
N GLU B 107 1.15 -33.10 -4.83
CA GLU B 107 1.39 -33.49 -3.46
C GLU B 107 0.57 -32.63 -2.52
N PHE B 108 0.44 -31.33 -2.84
CA PHE B 108 -0.39 -30.47 -2.01
C PHE B 108 -1.86 -30.88 -2.10
N VAL B 109 -2.32 -31.33 -3.29
CA VAL B 109 -3.68 -31.81 -3.45
C VAL B 109 -3.84 -33.09 -2.63
N TYR B 110 -2.82 -33.96 -2.66
CA TYR B 110 -2.85 -35.25 -2.02
C TYR B 110 -3.01 -35.14 -0.50
N ILE B 111 -2.31 -34.18 0.13
CA ILE B 111 -2.32 -34.03 1.58
C ILE B 111 -3.67 -33.53 2.08
N THR B 112 -4.47 -32.91 1.19
CA THR B 112 -5.83 -32.49 1.49
C THR B 112 -6.85 -33.63 1.35
N ASP B 113 -6.39 -34.88 1.08
CA ASP B 113 -7.20 -36.09 1.01
C ASP B 113 -8.28 -36.00 -0.08
N ASP B 114 -7.98 -35.25 -1.16
CA ASP B 114 -8.89 -35.03 -2.28
C ASP B 114 -10.18 -34.32 -1.85
N THR B 115 -10.09 -33.58 -0.74
CA THR B 115 -11.08 -32.57 -0.37
C THR B 115 -11.21 -31.52 -1.49
N TYR B 116 -10.07 -31.13 -2.08
CA TYR B 116 -10.02 -30.13 -3.14
C TYR B 116 -9.35 -30.70 -4.39
N THR B 117 -9.67 -30.08 -5.52
CA THR B 117 -9.09 -30.42 -6.82
C THR B 117 -7.81 -29.60 -7.03
N LYS B 118 -6.96 -30.07 -7.94
CA LYS B 118 -5.78 -29.35 -8.39
C LYS B 118 -6.15 -27.95 -8.89
N LYS B 119 -7.29 -27.84 -9.58
CA LYS B 119 -7.79 -26.59 -10.13
C LYS B 119 -8.12 -25.60 -9.02
N GLN B 120 -8.73 -26.08 -7.91
CA GLN B 120 -9.03 -25.26 -6.75
C GLN B 120 -7.78 -24.74 -6.02
N VAL B 121 -6.77 -25.60 -5.88
CA VAL B 121 -5.54 -25.21 -5.24
C VAL B 121 -4.91 -24.08 -6.06
N LEU B 122 -4.82 -24.29 -7.37
CA LEU B 122 -4.13 -23.32 -8.22
C LEU B 122 -4.88 -22.00 -8.27
N ARG B 123 -6.30 -22.17 -8.21
CA ARG B 123 -7.12 -20.95 -8.30
C ARG B 123 -6.91 -20.18 -7.00
N MET B 124 -6.91 -20.78 -5.91
CA MET B 124 -6.62 -20.17 -4.61
C MET B 124 -5.21 -19.56 -4.57
N GLU B 125 -4.20 -20.22 -5.18
CA GLU B 125 -2.85 -19.68 -5.25
C GLU B 125 -2.89 -18.29 -5.86
N HIS B 126 -3.57 -18.17 -7.00
CA HIS B 126 -3.67 -16.85 -7.68
C HIS B 126 -4.43 -15.88 -6.78
N LEU B 127 -5.53 -16.33 -6.19
CA LEU B 127 -6.29 -15.44 -5.31
C LEU B 127 -5.41 -14.88 -4.21
N VAL B 128 -4.59 -15.73 -3.55
CA VAL B 128 -3.73 -15.31 -2.45
C VAL B 128 -2.67 -14.32 -2.96
N LEU B 129 -2.10 -14.59 -4.12
CA LEU B 129 -1.10 -13.69 -4.72
C LEU B 129 -1.74 -12.33 -5.05
N LYS B 130 -3.00 -12.33 -5.47
CA LYS B 130 -3.72 -11.07 -5.79
C LYS B 130 -4.00 -10.27 -4.50
N VAL B 131 -4.54 -10.93 -3.48
CA VAL B 131 -4.88 -10.25 -2.20
C VAL B 131 -3.60 -9.69 -1.55
N LEU B 132 -2.51 -10.44 -1.60
CA LEU B 132 -1.23 -10.00 -0.98
C LEU B 132 -0.44 -9.14 -1.97
N ALA B 133 -0.92 -8.98 -3.20
CA ALA B 133 -0.24 -8.21 -4.24
C ALA B 133 1.25 -8.61 -4.33
N PHE B 134 1.53 -9.92 -4.21
CA PHE B 134 2.86 -10.52 -4.31
C PHE B 134 3.82 -10.08 -3.19
N ASP B 135 3.33 -9.46 -2.11
CA ASP B 135 4.21 -9.13 -0.99
C ASP B 135 4.51 -10.38 -0.17
N LEU B 136 5.46 -11.21 -0.62
CA LEU B 136 5.71 -12.53 -0.02
C LEU B 136 6.98 -12.56 0.83
N ALA B 137 7.88 -11.58 0.68
CA ALA B 137 9.14 -11.61 1.41
C ALA B 137 8.94 -11.01 2.81
N ALA B 138 8.09 -11.67 3.61
CA ALA B 138 7.69 -11.21 4.94
C ALA B 138 8.74 -11.65 5.96
N PRO B 139 9.09 -10.76 6.91
CA PRO B 139 9.86 -11.16 8.09
C PRO B 139 9.09 -12.15 8.96
N THR B 140 9.80 -13.18 9.40
CA THR B 140 9.30 -14.20 10.30
C THR B 140 10.03 -14.11 11.64
N ILE B 141 9.48 -14.83 12.63
CA ILE B 141 10.11 -15.04 13.91
C ILE B 141 11.50 -15.63 13.70
N ASN B 142 11.62 -16.53 12.72
N ASN B 142 11.62 -16.53 12.72
CA ASN B 142 12.87 -17.27 12.52
CA ASN B 142 12.84 -17.29 12.49
C ASN B 142 13.99 -16.35 12.04
C ASN B 142 13.97 -16.35 12.05
N GLN B 143 13.63 -15.38 11.19
CA GLN B 143 14.63 -14.50 10.62
C GLN B 143 15.22 -13.62 11.71
N PHE B 144 14.43 -13.29 12.74
CA PHE B 144 14.97 -12.51 13.85
C PHE B 144 15.79 -13.43 14.77
N LEU B 145 15.26 -14.62 15.08
CA LEU B 145 15.90 -15.58 15.96
C LEU B 145 17.33 -15.87 15.51
N THR B 146 17.54 -16.09 14.19
CA THR B 146 18.82 -16.54 13.71
C THR B 146 19.85 -15.43 13.89
N GLN B 147 19.43 -14.16 13.78
CA GLN B 147 20.30 -13.05 14.12
C GLN B 147 20.59 -12.98 15.63
N TYR B 148 19.55 -13.19 16.45
CA TYR B 148 19.75 -13.11 17.90
C TYR B 148 20.72 -14.21 18.35
N PHE B 149 20.64 -15.38 17.71
CA PHE B 149 21.49 -16.50 18.03
C PHE B 149 22.97 -16.12 17.93
N LEU B 150 23.33 -15.21 17.02
CA LEU B 150 24.70 -14.75 16.92
C LEU B 150 25.24 -14.09 18.19
N HIS B 151 24.35 -13.68 19.12
CA HIS B 151 24.78 -13.00 20.34
C HIS B 151 25.02 -13.99 21.49
N GLN B 152 24.98 -15.30 21.24
CA GLN B 152 25.19 -16.23 22.34
C GLN B 152 26.68 -16.32 22.63
N GLN B 153 26.99 -16.50 23.93
CA GLN B 153 28.37 -16.54 24.43
C GLN B 153 28.61 -17.80 25.28
N PRO B 154 28.95 -19.00 24.72
CA PRO B 154 29.05 -19.28 23.27
C PRO B 154 27.74 -19.89 22.75
N ALA B 155 27.72 -20.27 21.46
CA ALA B 155 26.53 -20.84 20.84
C ALA B 155 26.12 -22.13 21.56
N ASN B 156 24.82 -22.33 21.69
CA ASN B 156 24.26 -23.47 22.39
C ASN B 156 23.05 -23.93 21.59
N CYS B 157 23.16 -25.15 21.03
CA CYS B 157 22.20 -25.85 20.20
C CYS B 157 20.83 -26.01 20.85
N LYS B 158 20.81 -26.33 22.15
CA LYS B 158 19.61 -26.49 22.94
C LYS B 158 18.88 -25.14 23.08
N VAL B 159 19.65 -24.06 23.26
CA VAL B 159 19.06 -22.73 23.36
C VAL B 159 18.40 -22.41 22.02
N GLU B 160 19.11 -22.68 20.91
CA GLU B 160 18.61 -22.37 19.58
C GLU B 160 17.32 -23.14 19.31
N SER B 161 17.35 -24.46 19.54
CA SER B 161 16.23 -25.33 19.23
C SER B 161 15.02 -25.00 20.11
N LEU B 162 15.25 -24.76 21.39
CA LEU B 162 14.17 -24.40 22.29
C LEU B 162 13.53 -23.06 21.88
N ALA B 163 14.31 -22.09 21.43
CA ALA B 163 13.74 -20.80 20.98
C ALA B 163 12.84 -21.00 19.76
N MET B 164 13.24 -21.87 18.85
CA MET B 164 12.46 -22.15 17.62
C MET B 164 11.14 -22.83 18.00
N PHE B 165 11.19 -23.78 18.92
CA PHE B 165 9.97 -24.46 19.39
C PHE B 165 9.04 -23.43 19.99
N LEU B 166 9.58 -22.55 20.81
CA LEU B 166 8.69 -21.60 21.48
C LEU B 166 8.06 -20.66 20.47
N GLY B 167 8.87 -20.15 19.52
CA GLY B 167 8.33 -19.30 18.48
C GLY B 167 7.29 -20.09 17.68
N GLU B 168 7.54 -21.36 17.41
CA GLU B 168 6.56 -22.13 16.63
C GLU B 168 5.26 -22.25 17.41
N LEU B 169 5.36 -22.48 18.73
CA LEU B 169 4.17 -22.58 19.53
C LEU B 169 3.28 -21.35 19.35
N SER B 170 3.88 -20.16 19.24
CA SER B 170 3.13 -18.91 19.16
C SER B 170 2.27 -18.87 17.89
N LEU B 171 2.71 -19.50 16.78
CA LEU B 171 1.95 -19.54 15.54
C LEU B 171 0.56 -20.13 15.72
N ILE B 172 0.36 -21.00 16.73
CA ILE B 172 -0.87 -21.79 16.86
C ILE B 172 -2.05 -20.93 17.36
N ASP B 173 -1.75 -19.93 18.21
CA ASP B 173 -2.71 -19.27 19.06
C ASP B 173 -2.76 -17.78 18.70
N ALA B 174 -3.68 -17.42 17.79
CA ALA B 174 -3.81 -16.06 17.29
C ALA B 174 -4.08 -15.12 18.47
N ASP B 175 -4.81 -15.60 19.47
CA ASP B 175 -4.95 -14.94 20.74
C ASP B 175 -4.05 -15.69 21.74
N PRO B 176 -2.96 -15.08 22.27
CA PRO B 176 -2.69 -13.64 22.13
C PRO B 176 -1.73 -13.19 21.04
N TYR B 177 -1.10 -14.12 20.33
CA TYR B 177 0.14 -13.82 19.63
C TYR B 177 -0.01 -12.82 18.46
N LEU B 178 -1.22 -12.70 17.87
CA LEU B 178 -1.40 -11.79 16.76
C LEU B 178 -1.04 -10.36 17.14
N LYS B 179 -0.96 -10.07 18.44
CA LYS B 179 -0.78 -8.71 18.89
C LYS B 179 0.71 -8.37 18.99
N TYR B 180 1.58 -9.40 18.89
CA TYR B 180 3.01 -9.17 18.95
C TYR B 180 3.65 -9.30 17.56
N LEU B 181 4.71 -8.50 17.34
CA LEU B 181 5.49 -8.53 16.11
C LEU B 181 6.46 -9.72 16.15
N PRO B 182 6.83 -10.27 14.98
CA PRO B 182 7.81 -11.35 14.92
C PRO B 182 9.06 -11.06 15.75
N SER B 183 9.60 -9.83 15.66
CA SER B 183 10.86 -9.50 16.33
C SER B 183 10.73 -9.57 17.86
N VAL B 184 9.51 -9.31 18.37
CA VAL B 184 9.24 -9.31 19.81
C VAL B 184 8.96 -10.73 20.32
N ILE B 185 8.18 -11.53 19.57
CA ILE B 185 8.06 -12.91 19.95
C ILE B 185 9.43 -13.61 19.94
N ALA B 186 10.26 -13.31 18.93
CA ALA B 186 11.58 -13.90 18.80
C ALA B 186 12.44 -13.55 20.02
N ALA B 187 12.33 -12.31 20.48
CA ALA B 187 13.08 -11.84 21.62
C ALA B 187 12.61 -12.58 22.86
N ALA B 188 11.30 -12.72 23.05
CA ALA B 188 10.75 -13.43 24.19
C ALA B 188 11.19 -14.89 24.17
N ALA B 189 11.06 -15.52 23.00
CA ALA B 189 11.42 -16.92 22.88
C ALA B 189 12.91 -17.10 23.18
N PHE B 190 13.76 -16.16 22.70
CA PHE B 190 15.19 -16.31 22.87
C PHE B 190 15.54 -16.18 24.35
N HIS B 191 14.98 -15.16 25.03
CA HIS B 191 15.23 -14.97 26.45
C HIS B 191 14.74 -16.17 27.25
N LEU B 192 13.56 -16.68 26.89
CA LEU B 192 12.96 -17.77 27.63
C LEU B 192 13.77 -19.06 27.44
N ALA B 193 14.29 -19.28 26.24
CA ALA B 193 15.06 -20.47 25.94
C ALA B 193 16.39 -20.41 26.67
N LEU B 194 16.97 -19.21 26.68
CA LEU B 194 18.28 -19.00 27.28
C LEU B 194 18.17 -19.19 28.79
N TYR B 195 17.09 -18.67 29.37
CA TYR B 195 16.84 -18.78 30.79
C TYR B 195 16.61 -20.24 31.19
N THR B 196 15.78 -20.94 30.43
CA THR B 196 15.46 -22.33 30.73
C THR B 196 16.73 -23.19 30.73
N VAL B 197 17.63 -23.01 29.75
CA VAL B 197 18.72 -23.92 29.50
C VAL B 197 19.95 -23.55 30.33
N THR B 198 20.34 -22.26 30.33
CA THR B 198 21.59 -21.80 30.96
C THR B 198 21.34 -20.88 32.15
N GLY B 199 20.07 -20.53 32.43
CA GLY B 199 19.80 -19.60 33.50
C GLY B 199 20.16 -18.15 33.16
N GLN B 200 20.68 -17.88 31.96
CA GLN B 200 21.07 -16.52 31.62
C GLN B 200 19.88 -15.75 31.06
N SER B 201 20.09 -14.45 30.78
CA SER B 201 19.07 -13.49 30.40
C SER B 201 19.39 -12.83 29.06
N TRP B 202 18.34 -12.27 28.44
CA TRP B 202 18.41 -11.37 27.29
C TRP B 202 19.64 -10.47 27.42
N PRO B 203 20.66 -10.60 26.55
CA PRO B 203 21.90 -9.85 26.72
C PRO B 203 21.87 -8.38 26.34
N GLU B 204 22.76 -7.63 27.00
CA GLU B 204 23.03 -6.23 26.75
C GLU B 204 23.15 -5.97 25.25
N SER B 205 23.90 -6.85 24.59
CA SER B 205 24.24 -6.73 23.18
C SER B 205 22.96 -6.70 22.32
N LEU B 206 21.91 -7.43 22.74
CA LEU B 206 20.67 -7.48 21.99
C LEU B 206 19.78 -6.30 22.35
N VAL B 207 19.99 -5.75 23.55
CA VAL B 207 19.41 -4.46 23.86
C VAL B 207 19.96 -3.42 22.88
N GLN B 208 21.28 -3.43 22.63
CA GLN B 208 21.90 -2.49 21.71
C GLN B 208 21.26 -2.64 20.32
N LYS B 209 21.14 -3.88 19.86
CA LYS B 209 20.70 -4.16 18.51
C LYS B 209 19.22 -3.79 18.33
N THR B 210 18.36 -4.24 19.26
CA THR B 210 16.91 -4.26 19.05
C THR B 210 16.24 -3.06 19.70
N GLY B 211 16.90 -2.47 20.70
CA GLY B 211 16.22 -1.51 21.57
C GLY B 211 15.28 -2.14 22.60
N TYR B 212 15.06 -3.45 22.57
CA TYR B 212 14.13 -4.11 23.49
C TYR B 212 14.83 -4.45 24.81
N THR B 213 14.14 -4.25 25.94
CA THR B 213 14.57 -4.66 27.26
C THR B 213 13.62 -5.74 27.81
N LEU B 214 14.02 -6.40 28.89
CA LEU B 214 13.11 -7.31 29.58
C LEU B 214 11.83 -6.60 29.95
N GLU B 215 11.93 -5.30 30.29
CA GLU B 215 10.78 -4.41 30.50
C GLU B 215 9.84 -4.43 29.29
N THR B 216 10.35 -4.16 28.09
CA THR B 216 9.48 -4.03 26.93
C THR B 216 8.96 -5.41 26.49
N LEU B 217 9.73 -6.48 26.73
CA LEU B 217 9.34 -7.85 26.37
C LEU B 217 8.41 -8.48 27.39
N LYS B 218 8.29 -7.90 28.60
CA LYS B 218 7.58 -8.50 29.72
C LYS B 218 6.22 -9.04 29.30
N PRO B 219 5.28 -8.24 28.74
CA PRO B 219 3.96 -8.77 28.40
C PRO B 219 4.02 -10.04 27.56
N CYS B 220 4.78 -10.02 26.45
CA CYS B 220 4.91 -11.17 25.57
C CYS B 220 5.52 -12.40 26.26
N LEU B 221 6.56 -12.14 27.07
CA LEU B 221 7.22 -13.13 27.91
C LEU B 221 6.21 -13.81 28.83
N LEU B 222 5.27 -13.05 29.41
CA LEU B 222 4.32 -13.64 30.33
C LEU B 222 3.36 -14.57 29.59
N ASP B 223 2.94 -14.14 28.38
CA ASP B 223 2.15 -14.98 27.49
C ASP B 223 2.93 -16.25 27.11
N LEU B 224 4.18 -16.09 26.64
CA LEU B 224 4.95 -17.21 26.12
C LEU B 224 5.28 -18.21 27.24
N HIS B 225 5.56 -17.69 28.44
CA HIS B 225 5.83 -18.51 29.61
C HIS B 225 4.63 -19.41 29.94
N GLN B 226 3.40 -18.86 29.83
CA GLN B 226 2.18 -19.61 30.08
C GLN B 226 1.95 -20.62 28.96
N THR B 227 2.22 -20.23 27.71
CA THR B 227 2.01 -21.15 26.61
C THR B 227 2.90 -22.37 26.85
N TYR B 228 4.18 -22.12 27.19
CA TYR B 228 5.16 -23.17 27.45
C TYR B 228 4.70 -24.11 28.57
N LEU B 229 4.19 -23.55 29.69
CA LEU B 229 3.76 -24.38 30.81
C LEU B 229 2.58 -25.26 30.39
N ARG B 230 1.66 -24.71 29.59
CA ARG B 230 0.42 -25.38 29.26
C ARG B 230 0.56 -26.30 28.03
N ALA B 231 1.76 -26.34 27.43
CA ALA B 231 1.91 -26.92 26.10
C ALA B 231 1.55 -28.41 26.11
N PRO B 232 1.95 -29.19 27.13
CA PRO B 232 1.56 -30.60 27.20
C PRO B 232 0.05 -30.86 27.17
N GLN B 233 -0.76 -29.87 27.55
CA GLN B 233 -2.21 -30.02 27.66
C GLN B 233 -2.96 -29.43 26.47
N HIS B 234 -2.28 -28.59 25.67
CA HIS B 234 -2.90 -27.92 24.54
C HIS B 234 -3.52 -28.97 23.61
N ALA B 235 -4.66 -28.66 23.01
CA ALA B 235 -5.34 -29.56 22.08
C ALA B 235 -4.44 -29.92 20.89
N GLN B 236 -3.60 -28.98 20.44
CA GLN B 236 -2.68 -29.16 19.34
C GLN B 236 -1.30 -29.59 19.83
N GLN B 237 -0.74 -30.65 19.25
CA GLN B 237 0.43 -31.33 19.81
C GLN B 237 1.53 -31.56 18.78
N SER B 238 1.30 -31.18 17.52
CA SER B 238 2.22 -31.55 16.44
C SER B 238 3.62 -30.96 16.64
N ILE B 239 3.70 -29.77 17.23
CA ILE B 239 4.97 -29.07 17.42
C ILE B 239 5.77 -29.77 18.54
N ARG B 240 5.11 -30.10 19.64
CA ARG B 240 5.80 -30.86 20.69
C ARG B 240 6.38 -32.15 20.11
N GLU B 241 5.57 -32.91 19.34
CA GLU B 241 5.98 -34.18 18.75
C GLU B 241 7.21 -33.96 17.86
N LYS B 242 7.13 -32.93 17.01
CA LYS B 242 8.20 -32.55 16.09
C LYS B 242 9.48 -32.28 16.87
N TYR B 243 9.37 -31.47 17.94
CA TYR B 243 10.54 -31.06 18.69
C TYR B 243 11.00 -32.11 19.72
N LYS B 244 10.40 -33.32 19.70
CA LYS B 244 10.98 -34.48 20.36
C LYS B 244 12.16 -35.04 19.57
N ASN B 245 12.14 -34.85 18.24
CA ASN B 245 13.16 -35.34 17.35
C ASN B 245 14.53 -34.77 17.70
N SER B 246 15.55 -35.62 17.49
CA SER B 246 16.95 -35.31 17.74
C SER B 246 17.45 -34.19 16.83
N LYS B 247 16.91 -34.09 15.62
CA LYS B 247 17.18 -32.96 14.77
C LYS B 247 17.06 -31.67 15.58
N TYR B 248 16.13 -31.62 16.54
CA TYR B 248 15.89 -30.40 17.32
C TYR B 248 16.28 -30.61 18.78
N HIS B 249 17.14 -31.59 19.04
CA HIS B 249 17.75 -31.82 20.34
C HIS B 249 16.70 -32.20 21.38
N GLY B 250 15.54 -32.71 20.93
CA GLY B 250 14.52 -33.19 21.85
C GLY B 250 14.06 -32.11 22.84
N VAL B 251 14.11 -30.84 22.42
CA VAL B 251 13.92 -29.76 23.37
C VAL B 251 12.50 -29.72 23.96
N SER B 252 11.50 -30.31 23.30
CA SER B 252 10.14 -30.33 23.84
C SER B 252 10.08 -31.17 25.10
N LEU B 253 11.15 -31.91 25.41
CA LEU B 253 11.16 -32.77 26.57
C LEU B 253 11.75 -32.04 27.78
N LEU B 254 12.37 -30.86 27.57
CA LEU B 254 12.91 -30.02 28.64
C LEU B 254 11.75 -29.51 29.48
N ASN B 255 11.99 -29.32 30.78
CA ASN B 255 10.96 -28.80 31.66
C ASN B 255 10.96 -27.28 31.62
N PRO B 256 9.79 -26.62 31.40
CA PRO B 256 9.69 -25.17 31.57
C PRO B 256 10.09 -24.79 33.00
N PRO B 257 10.65 -23.57 33.20
CA PRO B 257 10.90 -23.06 34.57
C PRO B 257 9.55 -22.65 35.18
N GLU B 258 9.41 -22.85 36.49
CA GLU B 258 8.14 -22.54 37.17
C GLU B 258 7.93 -21.03 37.26
N THR B 259 9.03 -20.27 37.35
CA THR B 259 9.02 -18.81 37.49
C THR B 259 10.16 -18.19 36.69
N LEU B 260 9.99 -16.91 36.35
CA LEU B 260 10.94 -16.16 35.53
C LEU B 260 11.81 -15.20 36.35
N ASN B 261 11.29 -14.71 37.50
CA ASN B 261 11.89 -13.62 38.26
C ASN B 261 12.13 -12.38 37.37
N VAL B 262 11.06 -11.91 36.69
CA VAL B 262 11.14 -10.88 35.66
C VAL B 262 10.12 -9.77 35.99
N SER C 4 -11.85 -11.82 -14.30
CA SER C 4 -12.21 -10.79 -13.29
C SER C 4 -13.25 -11.36 -12.33
N MET C 5 -14.38 -11.77 -12.92
CA MET C 5 -15.57 -12.21 -12.23
C MET C 5 -15.67 -13.73 -12.32
N GLU C 6 -14.52 -14.38 -12.57
CA GLU C 6 -14.48 -15.82 -12.78
C GLU C 6 -14.69 -16.56 -11.47
N ASN C 7 -14.27 -15.96 -10.36
CA ASN C 7 -14.40 -16.54 -9.03
C ASN C 7 -15.77 -16.26 -8.43
N PHE C 8 -16.61 -15.44 -9.10
CA PHE C 8 -17.95 -15.14 -8.61
C PHE C 8 -19.00 -15.93 -9.38
N GLN C 9 -19.96 -16.49 -8.62
CA GLN C 9 -21.16 -17.17 -9.11
C GLN C 9 -22.38 -16.34 -8.76
N LYS C 10 -23.15 -15.94 -9.78
CA LYS C 10 -24.38 -15.20 -9.52
C LYS C 10 -25.34 -16.10 -8.77
N VAL C 11 -26.08 -15.53 -7.81
CA VAL C 11 -27.10 -16.30 -7.11
C VAL C 11 -28.50 -15.81 -7.51
N GLU C 12 -28.80 -14.52 -7.32
CA GLU C 12 -30.11 -13.96 -7.63
C GLU C 12 -29.99 -12.44 -7.69
N LYS C 13 -30.89 -11.78 -8.44
CA LYS C 13 -31.00 -10.33 -8.45
C LYS C 13 -31.52 -9.92 -7.08
N ILE C 14 -31.03 -8.78 -6.55
CA ILE C 14 -31.52 -8.31 -5.27
C ILE C 14 -32.00 -6.87 -5.36
N GLY C 15 -31.85 -6.27 -6.53
CA GLY C 15 -32.45 -4.97 -6.69
C GLY C 15 -31.81 -4.20 -7.83
N GLU C 16 -32.25 -2.95 -7.91
CA GLU C 16 -31.82 -2.04 -8.95
C GLU C 16 -31.64 -0.69 -8.27
N GLY C 17 -30.48 -0.06 -8.51
CA GLY C 17 -30.13 1.25 -7.98
C GLY C 17 -29.80 2.21 -9.13
N THR C 18 -28.98 3.23 -8.85
CA THR C 18 -28.71 4.25 -9.88
C THR C 18 -27.88 3.69 -11.01
N TYR C 19 -27.15 2.60 -10.76
CA TYR C 19 -26.21 2.12 -11.81
C TYR C 19 -26.81 1.05 -12.66
N GLY C 20 -27.70 0.26 -12.07
CA GLY C 20 -28.27 -0.86 -12.80
C GLY C 20 -28.71 -1.90 -11.81
N VAL C 21 -28.26 -3.13 -11.98
CA VAL C 21 -28.79 -4.20 -11.10
C VAL C 21 -27.77 -4.63 -10.04
N VAL C 22 -28.26 -4.89 -8.82
CA VAL C 22 -27.39 -5.42 -7.75
C VAL C 22 -27.67 -6.93 -7.62
N TYR C 23 -26.64 -7.75 -7.74
CA TYR C 23 -26.76 -9.20 -7.63
C TYR C 23 -26.14 -9.66 -6.31
N LYS C 24 -26.78 -10.66 -5.71
CA LYS C 24 -26.14 -11.52 -4.73
C LYS C 24 -25.26 -12.50 -5.49
N ALA C 25 -24.04 -12.69 -4.99
CA ALA C 25 -23.11 -13.61 -5.61
C ALA C 25 -22.33 -14.34 -4.53
N ARG C 26 -21.67 -15.43 -4.94
CA ARG C 26 -20.86 -16.26 -4.08
C ARG C 26 -19.44 -16.34 -4.67
N ASN C 27 -18.44 -16.09 -3.80
CA ASN C 27 -17.06 -16.33 -4.12
C ASN C 27 -16.83 -17.83 -4.12
N LYS C 28 -16.40 -18.38 -5.26
CA LYS C 28 -16.31 -19.81 -5.46
C LYS C 28 -15.18 -20.41 -4.62
N LEU C 29 -14.17 -19.58 -4.33
CA LEU C 29 -12.98 -20.05 -3.66
C LEU C 29 -13.12 -19.92 -2.13
N THR C 30 -13.74 -18.85 -1.65
CA THR C 30 -13.83 -18.57 -0.22
C THR C 30 -15.20 -18.90 0.36
N GLY C 31 -16.25 -18.96 -0.47
CA GLY C 31 -17.59 -19.21 0.04
C GLY C 31 -18.28 -17.92 0.49
N GLU C 32 -17.53 -16.81 0.52
CA GLU C 32 -18.11 -15.54 0.92
C GLU C 32 -19.27 -15.18 -0.01
N VAL C 33 -20.35 -14.68 0.60
CA VAL C 33 -21.54 -14.22 -0.10
C VAL C 33 -21.44 -12.71 -0.15
N VAL C 34 -21.62 -12.13 -1.34
CA VAL C 34 -21.36 -10.71 -1.54
C VAL C 34 -22.53 -10.10 -2.30
N ALA C 35 -22.61 -8.77 -2.30
CA ALA C 35 -23.50 -8.06 -3.20
C ALA C 35 -22.61 -7.36 -4.21
N LEU C 36 -22.86 -7.61 -5.49
CA LEU C 36 -22.13 -6.98 -6.59
C LEU C 36 -23.00 -5.89 -7.18
N LYS C 37 -22.47 -4.66 -7.24
CA LYS C 37 -23.16 -3.58 -7.92
C LYS C 37 -22.40 -3.29 -9.22
N LYS C 38 -22.99 -3.66 -10.35
CA LYS C 38 -22.41 -3.51 -11.68
C LYS C 38 -22.74 -2.11 -12.21
N ILE C 39 -21.70 -1.36 -12.63
CA ILE C 39 -21.77 0.03 -13.07
C ILE C 39 -21.15 0.14 -14.45
N ARG C 40 -22.04 0.36 -15.44
CA ARG C 40 -21.58 0.44 -16.84
C ARG C 40 -20.87 1.77 -17.09
N LEU C 41 -19.72 1.67 -17.77
CA LEU C 41 -18.97 2.86 -18.12
C LEU C 41 -19.39 3.37 -19.50
N ASP C 42 -19.65 4.68 -19.53
CA ASP C 42 -19.90 5.41 -20.77
C ASP C 42 -18.57 5.72 -21.46
N THR C 43 -17.98 4.73 -22.13
CA THR C 43 -16.60 4.84 -22.59
C THR C 43 -16.45 5.75 -23.82
N GLU C 44 -17.57 6.12 -24.47
CA GLU C 44 -17.47 6.98 -25.64
C GLU C 44 -18.24 8.29 -25.43
N THR C 45 -18.79 8.52 -24.23
CA THR C 45 -19.61 9.69 -23.93
C THR C 45 -19.21 10.32 -22.59
N GLU C 46 -19.72 9.81 -21.47
CA GLU C 46 -19.61 10.51 -20.19
C GLU C 46 -18.59 9.92 -19.20
N GLY C 47 -18.09 8.70 -19.42
CA GLY C 47 -17.11 8.08 -18.54
C GLY C 47 -17.76 7.57 -17.25
N VAL C 48 -17.01 7.64 -16.15
CA VAL C 48 -17.42 7.09 -14.88
C VAL C 48 -18.39 8.06 -14.24
N PRO C 49 -19.61 7.61 -13.85
CA PRO C 49 -20.61 8.55 -13.33
C PRO C 49 -20.10 9.15 -12.02
N SER C 50 -20.43 10.44 -11.85
CA SER C 50 -20.07 11.13 -10.63
C SER C 50 -20.62 10.41 -9.39
N THR C 51 -21.82 9.83 -9.49
CA THR C 51 -22.39 9.09 -8.37
C THR C 51 -21.44 7.95 -7.95
N ALA C 52 -20.83 7.26 -8.91
CA ALA C 52 -19.94 6.16 -8.58
C ALA C 52 -18.63 6.66 -7.96
N ILE C 53 -18.09 7.75 -8.51
CA ILE C 53 -16.88 8.38 -7.99
C ILE C 53 -17.06 8.76 -6.52
N ARG C 54 -18.21 9.34 -6.18
CA ARG C 54 -18.47 9.70 -4.81
C ARG C 54 -18.69 8.44 -3.96
N GLU C 55 -19.56 7.54 -4.44
CA GLU C 55 -19.88 6.36 -3.65
C GLU C 55 -18.61 5.60 -3.27
N ILE C 56 -17.74 5.34 -4.25
CA ILE C 56 -16.56 4.53 -4.00
C ILE C 56 -15.57 5.29 -3.10
N SER C 57 -15.28 6.55 -3.43
CA SER C 57 -14.27 7.32 -2.73
C SER C 57 -14.66 7.55 -1.27
N LEU C 58 -15.96 7.81 -1.04
CA LEU C 58 -16.43 8.11 0.31
C LEU C 58 -16.50 6.84 1.13
N LEU C 59 -16.87 5.71 0.51
CA LEU C 59 -16.95 4.43 1.24
C LEU C 59 -15.58 3.84 1.55
N LYS C 60 -14.58 4.14 0.71
CA LYS C 60 -13.23 3.71 0.98
C LYS C 60 -12.79 4.19 2.36
N GLU C 61 -13.20 5.41 2.74
CA GLU C 61 -12.76 6.05 3.97
C GLU C 61 -13.63 5.67 5.17
N LEU C 62 -14.86 5.20 4.92
CA LEU C 62 -15.82 5.02 6.00
C LEU C 62 -15.82 3.56 6.45
N ASN C 63 -14.91 3.27 7.38
CA ASN C 63 -14.81 1.91 7.98
C ASN C 63 -15.41 1.99 9.38
N HIS C 64 -16.57 1.38 9.57
CA HIS C 64 -17.36 1.41 10.79
C HIS C 64 -18.34 0.24 10.74
N PRO C 65 -18.60 -0.42 11.89
CA PRO C 65 -19.53 -1.55 11.91
C PRO C 65 -20.95 -1.28 11.40
N ASN C 66 -21.38 0.00 11.40
CA ASN C 66 -22.74 0.37 11.04
C ASN C 66 -22.78 1.12 9.71
N ILE C 67 -21.72 0.96 8.90
CA ILE C 67 -21.70 1.43 7.53
C ILE C 67 -21.33 0.24 6.66
N VAL C 68 -22.08 0.01 5.58
CA VAL C 68 -21.88 -1.14 4.73
C VAL C 68 -20.43 -1.16 4.25
N LYS C 69 -19.83 -2.35 4.19
CA LYS C 69 -18.43 -2.49 3.85
C LYS C 69 -18.26 -2.69 2.34
N LEU C 70 -17.46 -1.80 1.73
CA LEU C 70 -17.02 -1.97 0.35
C LEU C 70 -15.73 -2.82 0.36
N LEU C 71 -15.80 -4.04 -0.19
CA LEU C 71 -14.70 -4.98 -0.06
C LEU C 71 -13.68 -4.77 -1.18
N ASP C 72 -14.16 -4.39 -2.38
CA ASP C 72 -13.30 -4.33 -3.56
C ASP C 72 -14.02 -3.57 -4.66
N VAL C 73 -13.23 -3.09 -5.63
CA VAL C 73 -13.73 -2.56 -6.88
C VAL C 73 -12.95 -3.23 -7.99
N ILE C 74 -13.68 -3.87 -8.91
CA ILE C 74 -13.06 -4.59 -10.00
C ILE C 74 -13.27 -3.79 -11.26
N HIS C 75 -12.15 -3.41 -11.91
CA HIS C 75 -12.13 -2.60 -13.11
C HIS C 75 -12.08 -3.49 -14.36
N THR C 76 -12.85 -3.12 -15.38
CA THR C 76 -12.66 -3.65 -16.73
C THR C 76 -12.68 -2.41 -17.59
N GLU C 77 -12.42 -2.55 -18.89
CA GLU C 77 -12.38 -1.35 -19.70
C GLU C 77 -13.80 -0.78 -19.86
N ASN C 78 -14.84 -1.62 -19.69
CA ASN C 78 -16.22 -1.25 -20.00
C ASN C 78 -17.12 -1.27 -18.76
N LYS C 79 -16.71 -2.03 -17.73
CA LYS C 79 -17.55 -2.19 -16.55
C LYS C 79 -16.75 -1.98 -15.27
N LEU C 80 -17.47 -1.55 -14.23
CA LEU C 80 -16.94 -1.46 -12.88
C LEU C 80 -17.83 -2.33 -12.01
N TYR C 81 -17.23 -3.26 -11.24
CA TYR C 81 -17.98 -4.06 -10.27
C TYR C 81 -17.64 -3.64 -8.84
N LEU C 82 -18.63 -3.18 -8.07
CA LEU C 82 -18.41 -2.87 -6.67
C LEU C 82 -18.81 -4.11 -5.87
N VAL C 83 -17.86 -4.61 -5.06
CA VAL C 83 -18.05 -5.79 -4.24
C VAL C 83 -18.34 -5.30 -2.82
N PHE C 84 -19.56 -5.58 -2.36
CA PHE C 84 -20.04 -5.21 -1.04
C PHE C 84 -20.27 -6.46 -0.20
N GLU C 85 -20.18 -6.31 1.13
CA GLU C 85 -20.62 -7.38 2.01
C GLU C 85 -22.10 -7.60 1.79
N PHE C 86 -22.55 -8.85 1.86
CA PHE C 86 -23.97 -9.14 1.72
C PHE C 86 -24.66 -9.02 3.07
N LEU C 87 -25.77 -8.29 3.14
CA LEU C 87 -26.66 -8.37 4.29
C LEU C 87 -28.03 -8.89 3.86
N HIS C 88 -28.71 -9.52 4.80
CA HIS C 88 -29.90 -10.35 4.59
C HIS C 88 -31.04 -9.58 3.89
N GLN C 89 -31.38 -8.38 4.37
CA GLN C 89 -32.39 -7.54 3.75
C GLN C 89 -32.34 -6.11 4.28
N ASP C 90 -33.20 -5.23 3.71
CA ASP C 90 -33.29 -3.83 4.06
C ASP C 90 -34.42 -3.64 5.05
N LEU C 91 -34.40 -2.50 5.77
CA LEU C 91 -35.33 -2.21 6.85
C LEU C 91 -36.75 -2.07 6.32
N LYS C 92 -36.91 -1.60 5.09
CA LYS C 92 -38.24 -1.49 4.52
C LYS C 92 -38.89 -2.88 4.43
N LYS C 93 -38.15 -3.91 4.00
CA LYS C 93 -38.72 -5.23 3.86
C LYS C 93 -39.03 -5.82 5.24
N PHE C 94 -38.13 -5.54 6.22
CA PHE C 94 -38.30 -5.91 7.62
C PHE C 94 -39.56 -5.26 8.22
N MET C 95 -39.71 -3.95 8.04
CA MET C 95 -40.91 -3.26 8.47
C MET C 95 -42.15 -3.93 7.89
N ASP C 96 -42.22 -4.08 6.55
CA ASP C 96 -43.34 -4.71 5.85
C ASP C 96 -43.65 -6.10 6.42
N ALA C 97 -42.61 -6.90 6.67
CA ALA C 97 -42.85 -8.24 7.17
C ALA C 97 -43.40 -8.17 8.59
N SER C 98 -43.11 -7.06 9.29
CA SER C 98 -43.47 -6.84 10.68
C SER C 98 -44.71 -5.95 10.81
N ALA C 99 -45.36 -5.65 9.69
CA ALA C 99 -46.56 -4.80 9.69
C ALA C 99 -47.61 -5.23 10.73
N LEU C 100 -47.82 -6.55 10.87
CA LEU C 100 -48.82 -7.07 11.78
C LEU C 100 -48.22 -7.37 13.16
N THR C 101 -47.03 -8.00 13.23
CA THR C 101 -46.39 -8.40 14.48
C THR C 101 -45.92 -7.18 15.27
N GLY C 102 -45.51 -6.13 14.56
CA GLY C 102 -44.73 -5.07 15.17
C GLY C 102 -43.24 -5.46 15.27
N ILE C 103 -42.42 -4.46 15.60
CA ILE C 103 -41.01 -4.60 15.96
C ILE C 103 -40.88 -4.40 17.46
N PRO C 104 -40.30 -5.37 18.21
CA PRO C 104 -40.12 -5.16 19.66
C PRO C 104 -39.33 -3.89 19.91
N LEU C 105 -39.65 -3.20 21.01
CA LEU C 105 -39.06 -1.93 21.40
C LEU C 105 -37.54 -2.04 21.60
N PRO C 106 -37.01 -3.14 22.20
CA PRO C 106 -35.57 -3.32 22.32
C PRO C 106 -34.82 -3.37 20.99
N LEU C 107 -35.45 -3.93 19.95
CA LEU C 107 -34.86 -3.98 18.63
C LEU C 107 -34.85 -2.58 18.00
N ILE C 108 -35.98 -1.85 18.15
CA ILE C 108 -36.11 -0.50 17.61
C ILE C 108 -34.99 0.39 18.15
N LYS C 109 -34.71 0.24 19.46
CA LYS C 109 -33.77 1.09 20.15
C LYS C 109 -32.35 0.73 19.73
N SER C 110 -32.08 -0.59 19.64
CA SER C 110 -30.81 -1.11 19.14
C SER C 110 -30.56 -0.59 17.73
N TYR C 111 -31.61 -0.63 16.89
CA TYR C 111 -31.45 -0.25 15.50
C TYR C 111 -31.18 1.25 15.40
N LEU C 112 -31.92 2.05 16.19
CA LEU C 112 -31.75 3.50 16.19
C LEU C 112 -30.35 3.87 16.71
N PHE C 113 -29.89 3.13 17.74
CA PHE C 113 -28.60 3.36 18.36
C PHE C 113 -27.47 3.13 17.35
N GLN C 114 -27.52 2.00 16.65
CA GLN C 114 -26.54 1.67 15.61
C GLN C 114 -26.59 2.67 14.46
N LEU C 115 -27.79 3.13 14.09
CA LEU C 115 -27.96 4.02 12.95
C LEU C 115 -27.33 5.37 13.27
N LEU C 116 -27.44 5.80 14.54
CA LEU C 116 -26.84 7.04 14.98
C LEU C 116 -25.31 6.94 15.08
N GLN C 117 -24.79 5.76 15.47
CA GLN C 117 -23.34 5.59 15.57
C GLN C 117 -22.71 5.68 14.18
N GLY C 118 -23.31 4.91 13.24
CA GLY C 118 -22.97 4.96 11.83
C GLY C 118 -23.00 6.38 11.28
N LEU C 119 -24.09 7.09 11.57
CA LEU C 119 -24.27 8.42 11.04
C LEU C 119 -23.29 9.41 11.68
N ALA C 120 -23.04 9.24 12.98
CA ALA C 120 -22.12 10.11 13.71
C ALA C 120 -20.71 10.00 13.09
N PHE C 121 -20.30 8.77 12.76
CA PHE C 121 -19.08 8.50 12.01
C PHE C 121 -19.07 9.19 10.65
N CYS C 122 -20.19 9.14 9.91
CA CYS C 122 -20.28 9.88 8.65
C CYS C 122 -19.99 11.35 8.84
N HIS C 123 -20.75 11.99 9.73
CA HIS C 123 -20.63 13.39 10.06
C HIS C 123 -19.23 13.74 10.58
N SER C 124 -18.68 12.89 11.45
CA SER C 124 -17.32 13.02 11.98
C SER C 124 -16.28 13.02 10.85
N HIS C 125 -16.68 12.53 9.66
CA HIS C 125 -15.75 12.27 8.58
C HIS C 125 -16.15 13.09 7.37
N ARG C 126 -16.75 14.25 7.61
CA ARG C 126 -17.18 15.20 6.55
C ARG C 126 -18.00 14.56 5.41
N VAL C 127 -18.87 13.59 5.72
CA VAL C 127 -19.75 12.99 4.70
C VAL C 127 -21.21 13.17 5.12
N LEU C 128 -22.00 13.82 4.25
CA LEU C 128 -23.46 13.77 4.34
C LEU C 128 -23.95 12.56 3.56
N HIS C 129 -24.93 11.80 4.10
CA HIS C 129 -25.52 10.68 3.38
C HIS C 129 -26.53 11.16 2.34
N ARG C 130 -27.57 11.89 2.83
CA ARG C 130 -28.53 12.60 1.99
C ARG C 130 -29.54 11.68 1.28
N ASP C 131 -29.57 10.40 1.63
CA ASP C 131 -30.61 9.53 1.11
C ASP C 131 -30.97 8.47 2.16
N LEU C 132 -31.16 8.91 3.41
CA LEU C 132 -31.44 7.93 4.44
C LEU C 132 -32.92 7.63 4.41
N LYS C 133 -33.26 6.38 4.13
CA LYS C 133 -34.62 5.90 4.14
C LYS C 133 -34.54 4.41 4.36
N PRO C 134 -35.64 3.74 4.74
CA PRO C 134 -35.54 2.35 5.16
C PRO C 134 -34.95 1.40 4.11
N GLN C 135 -35.20 1.68 2.81
CA GLN C 135 -34.73 0.83 1.70
C GLN C 135 -33.20 0.85 1.59
N ASN C 136 -32.53 1.85 2.22
CA ASN C 136 -31.09 2.07 2.12
C ASN C 136 -30.38 1.63 3.41
N LEU C 137 -31.12 1.01 4.33
CA LEU C 137 -30.56 0.54 5.59
C LEU C 137 -30.71 -0.99 5.61
N LEU C 138 -29.60 -1.70 5.91
CA LEU C 138 -29.54 -3.15 5.76
C LEU C 138 -29.36 -3.82 7.11
N ILE C 139 -30.08 -4.92 7.32
CA ILE C 139 -30.01 -5.66 8.58
C ILE C 139 -29.45 -7.04 8.27
N ASN C 140 -28.71 -7.62 9.23
CA ASN C 140 -28.34 -9.03 9.18
C ASN C 140 -29.15 -9.80 10.23
N THR C 141 -28.89 -11.12 10.33
CA THR C 141 -29.66 -12.04 11.17
C THR C 141 -29.13 -12.07 12.61
N GLU C 142 -28.12 -11.24 12.90
CA GLU C 142 -27.50 -11.21 14.21
C GLU C 142 -27.67 -9.85 14.89
N GLY C 143 -28.57 -8.99 14.38
CA GLY C 143 -29.01 -7.81 15.10
C GLY C 143 -28.30 -6.50 14.71
N ALA C 144 -27.42 -6.54 13.69
CA ALA C 144 -26.78 -5.34 13.19
C ALA C 144 -27.68 -4.66 12.15
N ILE C 145 -27.59 -3.32 12.09
CA ILE C 145 -28.12 -2.53 10.99
C ILE C 145 -27.02 -1.60 10.48
N LYS C 146 -26.97 -1.34 9.16
CA LYS C 146 -25.93 -0.49 8.59
C LYS C 146 -26.50 0.47 7.55
N LEU C 147 -25.92 1.68 7.48
CA LEU C 147 -26.15 2.63 6.41
C LEU C 147 -25.60 2.01 5.12
N ALA C 148 -26.38 2.07 4.05
CA ALA C 148 -25.91 1.66 2.74
C ALA C 148 -26.39 2.67 1.70
N ASP C 149 -26.05 2.40 0.44
CA ASP C 149 -26.32 3.24 -0.71
C ASP C 149 -25.83 4.67 -0.52
N PHE C 150 -24.52 4.87 -0.66
CA PHE C 150 -23.86 6.17 -0.56
C PHE C 150 -23.78 6.87 -1.92
N GLY C 151 -24.62 6.45 -2.87
CA GLY C 151 -24.73 7.01 -4.23
C GLY C 151 -25.08 8.50 -4.29
N LEU C 152 -25.77 9.01 -3.25
CA LEU C 152 -26.17 10.39 -3.20
C LEU C 152 -25.35 11.12 -2.13
N ALA C 153 -24.32 10.45 -1.57
CA ALA C 153 -23.52 11.02 -0.50
C ALA C 153 -22.62 12.13 -1.03
N ARG C 154 -22.05 12.91 -0.14
CA ARG C 154 -21.17 14.04 -0.54
C ARG C 154 -20.22 14.43 0.60
N ALA C 155 -18.98 14.70 0.30
CA ALA C 155 -18.01 15.19 1.27
C ALA C 155 -18.21 16.69 1.39
N PHE C 156 -18.45 17.19 2.61
CA PHE C 156 -18.75 18.60 2.76
C PHE C 156 -17.53 19.36 3.29
N GLY C 157 -17.52 20.69 3.14
CA GLY C 157 -16.56 21.55 3.83
C GLY C 157 -17.17 22.19 5.09
N VAL C 158 -16.33 22.90 5.88
CA VAL C 158 -16.76 23.60 7.08
C VAL C 158 -16.34 25.07 6.97
N PRO C 159 -17.28 26.05 6.88
CA PRO C 159 -18.72 25.78 6.85
C PRO C 159 -19.18 25.27 5.49
N VAL C 160 -20.38 24.68 5.47
CA VAL C 160 -20.94 24.08 4.25
C VAL C 160 -21.12 25.20 3.24
N ARG C 161 -21.09 24.84 1.94
CA ARG C 161 -21.60 25.72 0.89
C ARG C 161 -22.88 25.13 0.31
N THR C 162 -23.40 25.75 -0.77
CA THR C 162 -24.60 25.28 -1.45
C THR C 162 -24.28 23.98 -2.18
N TYR C 163 -25.06 22.93 -1.88
CA TYR C 163 -24.94 21.62 -2.50
C TYR C 163 -26.18 21.40 -3.36
N TPO C 164 -26.30 20.20 -3.95
CA TPO C 164 -27.42 19.89 -4.84
CB TPO C 164 -27.28 18.49 -5.46
CG2 TPO C 164 -28.30 18.22 -6.55
OG1 TPO C 164 -25.95 18.43 -6.06
P TPO C 164 -24.71 17.57 -5.43
O1P TPO C 164 -24.41 18.16 -4.08
O2P TPO C 164 -23.61 17.79 -6.45
O3P TPO C 164 -25.13 16.12 -5.29
C TPO C 164 -28.73 19.94 -4.05
O TPO C 164 -28.81 19.37 -2.97
N HIS C 165 -29.74 20.62 -4.63
CA HIS C 165 -31.02 20.80 -3.96
C HIS C 165 -31.81 19.49 -3.99
N GLU C 166 -31.83 18.84 -5.14
CA GLU C 166 -32.65 17.65 -5.33
C GLU C 166 -31.99 16.45 -4.64
N VAL C 167 -32.23 16.34 -3.33
CA VAL C 167 -31.63 15.29 -2.53
C VAL C 167 -32.63 14.83 -1.47
N VAL C 168 -32.49 13.54 -1.10
CA VAL C 168 -33.35 12.86 -0.12
C VAL C 168 -34.70 12.56 -0.79
N THR C 169 -35.08 11.28 -0.80
CA THR C 169 -36.44 10.86 -1.14
C THR C 169 -37.45 11.72 -0.35
N LEU C 170 -38.54 12.12 -1.02
CA LEU C 170 -39.47 13.15 -0.57
C LEU C 170 -39.88 12.97 0.89
N TRP C 171 -40.36 11.78 1.25
CA TRP C 171 -40.95 11.52 2.56
C TRP C 171 -39.95 11.80 3.68
N TYR C 172 -38.64 11.78 3.36
CA TYR C 172 -37.56 11.80 4.36
C TYR C 172 -36.79 13.12 4.32
N ARG C 173 -37.30 14.06 3.50
CA ARG C 173 -36.64 15.32 3.21
C ARG C 173 -37.00 16.36 4.27
N ALA C 174 -35.95 16.94 4.85
CA ALA C 174 -36.06 17.91 5.92
C ALA C 174 -36.69 19.20 5.40
N PRO C 175 -37.42 19.95 6.26
CA PRO C 175 -38.08 21.19 5.85
C PRO C 175 -37.17 22.23 5.17
N GLU C 176 -35.92 22.35 5.63
CA GLU C 176 -35.01 23.37 5.12
C GLU C 176 -34.74 23.14 3.64
N ILE C 177 -34.72 21.86 3.21
CA ILE C 177 -34.56 21.51 1.80
C ILE C 177 -35.86 21.78 1.04
N LEU C 178 -37.00 21.39 1.61
CA LEU C 178 -38.30 21.61 0.96
C LEU C 178 -38.46 23.05 0.51
N LEU C 179 -38.13 24.00 1.42
CA LEU C 179 -38.26 25.44 1.25
C LEU C 179 -37.06 26.05 0.51
N GLY C 180 -36.16 25.21 -0.01
CA GLY C 180 -35.05 25.61 -0.85
C GLY C 180 -34.11 26.60 -0.17
N CYS C 181 -33.72 26.32 1.09
CA CYS C 181 -32.75 27.12 1.82
C CYS C 181 -31.39 27.05 1.14
N LYS C 182 -30.65 28.17 1.18
CA LYS C 182 -29.36 28.27 0.53
C LYS C 182 -28.43 27.13 0.96
N TYR C 183 -28.38 26.92 2.28
CA TYR C 183 -27.47 25.98 2.90
C TYR C 183 -28.27 24.94 3.67
N TYR C 184 -27.73 23.72 3.70
CA TYR C 184 -28.19 22.63 4.54
C TYR C 184 -26.96 21.84 4.96
N SER C 185 -27.11 21.07 6.05
CA SER C 185 -25.97 20.47 6.71
C SER C 185 -26.37 19.12 7.32
N THR C 186 -25.62 18.65 8.33
CA THR C 186 -25.73 17.32 8.91
C THR C 186 -27.14 17.12 9.47
N ALA C 187 -27.83 18.24 9.72
CA ALA C 187 -29.20 18.25 10.22
C ALA C 187 -30.13 17.42 9.33
N VAL C 188 -29.97 17.53 8.00
CA VAL C 188 -30.85 16.86 7.04
C VAL C 188 -30.86 15.36 7.31
N ASP C 189 -29.71 14.76 7.67
CA ASP C 189 -29.64 13.32 7.88
C ASP C 189 -30.31 12.92 9.19
N ILE C 190 -30.29 13.82 10.18
CA ILE C 190 -30.94 13.54 11.45
C ILE C 190 -32.47 13.58 11.26
N TRP C 191 -32.95 14.54 10.47
CA TRP C 191 -34.36 14.60 10.16
C TRP C 191 -34.83 13.26 9.58
N SER C 192 -34.08 12.73 8.61
CA SER C 192 -34.42 11.47 7.97
C SER C 192 -34.49 10.34 9.02
N LEU C 193 -33.47 10.25 9.88
CA LEU C 193 -33.42 9.25 10.93
C LEU C 193 -34.63 9.41 11.86
N GLY C 194 -35.03 10.66 12.10
CA GLY C 194 -36.20 10.93 12.92
C GLY C 194 -37.42 10.28 12.29
N CYS C 195 -37.67 10.60 11.03
CA CYS C 195 -38.72 9.96 10.25
C CYS C 195 -38.64 8.43 10.33
N ILE C 196 -37.42 7.87 10.26
CA ILE C 196 -37.24 6.42 10.30
C ILE C 196 -37.55 5.84 11.68
N PHE C 197 -37.22 6.58 12.75
CA PHE C 197 -37.51 6.12 14.10
C PHE C 197 -39.03 5.93 14.23
N ALA C 198 -39.78 6.99 13.92
CA ALA C 198 -41.24 6.97 13.91
C ALA C 198 -41.74 5.76 13.14
N GLU C 199 -41.23 5.59 11.90
CA GLU C 199 -41.66 4.54 10.99
C GLU C 199 -41.38 3.14 11.56
N MET C 200 -40.30 2.98 12.31
CA MET C 200 -40.03 1.69 12.94
C MET C 200 -41.11 1.37 13.98
N VAL C 201 -41.58 2.39 14.71
CA VAL C 201 -42.56 2.22 15.76
C VAL C 201 -43.94 1.83 15.21
N THR C 202 -44.40 2.53 14.15
CA THR C 202 -45.75 2.42 13.62
C THR C 202 -45.79 1.54 12.36
N ARG C 203 -44.61 1.22 11.78
CA ARG C 203 -44.45 0.52 10.50
C ARG C 203 -45.16 1.22 9.35
N ARG C 204 -45.32 2.55 9.49
CA ARG C 204 -45.87 3.40 8.46
C ARG C 204 -45.01 4.66 8.40
N ALA C 205 -44.69 5.10 7.17
CA ALA C 205 -44.00 6.36 6.96
C ALA C 205 -44.70 7.45 7.77
N LEU C 206 -43.92 8.37 8.34
CA LEU C 206 -44.44 9.46 9.16
C LEU C 206 -45.03 10.56 8.29
N PHE C 207 -44.37 10.95 7.18
CA PHE C 207 -44.88 11.99 6.30
C PHE C 207 -44.94 11.50 4.85
N PRO C 208 -45.97 10.73 4.42
CA PRO C 208 -46.05 10.24 3.04
C PRO C 208 -46.69 11.26 2.09
N GLY C 209 -45.97 12.35 1.82
CA GLY C 209 -46.47 13.39 0.93
C GLY C 209 -46.53 12.93 -0.53
N ASP C 210 -47.52 13.45 -1.26
CA ASP C 210 -47.77 13.19 -2.68
C ASP C 210 -47.09 14.24 -3.54
N SER C 211 -46.62 15.31 -2.91
CA SER C 211 -46.06 16.48 -3.58
C SER C 211 -45.26 17.25 -2.55
N GLU C 212 -44.53 18.27 -2.99
CA GLU C 212 -43.77 19.12 -2.09
C GLU C 212 -44.71 19.90 -1.16
N ILE C 213 -45.83 20.40 -1.72
CA ILE C 213 -46.75 21.20 -0.92
C ILE C 213 -47.43 20.29 0.12
N ASP C 214 -47.84 19.08 -0.30
CA ASP C 214 -48.45 18.09 0.57
C ASP C 214 -47.48 17.64 1.66
N GLN C 215 -46.18 17.53 1.33
CA GLN C 215 -45.13 17.19 2.27
C GLN C 215 -45.04 18.23 3.38
N LEU C 216 -44.95 19.54 3.02
CA LEU C 216 -44.87 20.63 3.98
C LEU C 216 -46.08 20.62 4.91
N PHE C 217 -47.26 20.51 4.30
CA PHE C 217 -48.51 20.50 5.02
C PHE C 217 -48.53 19.34 6.02
N ARG C 218 -48.09 18.14 5.62
CA ARG C 218 -48.08 16.98 6.50
C ARG C 218 -47.15 17.17 7.69
N ILE C 219 -46.01 17.84 7.46
CA ILE C 219 -45.04 18.18 8.49
C ILE C 219 -45.63 19.20 9.46
N PHE C 220 -46.10 20.33 8.91
CA PHE C 220 -46.60 21.48 9.65
C PHE C 220 -47.73 21.07 10.60
N ARG C 221 -48.67 20.30 10.06
CA ARG C 221 -49.86 19.92 10.85
C ARG C 221 -49.46 19.04 12.03
N THR C 222 -48.38 18.29 11.90
CA THR C 222 -48.00 17.35 12.94
C THR C 222 -47.14 18.03 14.00
N LEU C 223 -46.40 19.07 13.59
CA LEU C 223 -45.47 19.76 14.48
C LEU C 223 -45.91 21.19 14.76
N GLY C 224 -47.00 21.62 14.12
CA GLY C 224 -47.50 22.98 14.26
C GLY C 224 -46.70 23.92 13.35
N THR C 225 -47.39 24.98 12.92
CA THR C 225 -46.74 25.99 12.09
C THR C 225 -46.16 27.04 13.01
N VAL C 256 -47.20 9.23 17.57
CA VAL C 256 -46.56 7.90 17.80
C VAL C 256 -46.95 7.37 19.19
N PRO C 257 -48.14 6.74 19.34
CA PRO C 257 -48.60 6.21 20.63
C PRO C 257 -47.67 5.26 21.41
N PRO C 258 -47.18 4.14 20.82
CA PRO C 258 -46.45 3.12 21.58
C PRO C 258 -45.15 3.53 22.28
N LEU C 259 -44.70 4.77 22.03
CA LEU C 259 -43.36 5.21 22.42
C LEU C 259 -43.38 5.84 23.83
N ASP C 260 -42.37 5.50 24.64
CA ASP C 260 -42.23 6.02 26.00
C ASP C 260 -41.85 7.50 25.96
N GLU C 261 -41.73 8.11 27.16
CA GLU C 261 -41.47 9.53 27.36
C GLU C 261 -40.07 9.95 26.86
N ASP C 262 -39.10 9.05 27.02
CA ASP C 262 -37.74 9.25 26.56
C ASP C 262 -37.73 9.24 25.03
N GLY C 263 -38.30 8.16 24.46
CA GLY C 263 -38.48 7.99 23.03
C GLY C 263 -39.07 9.23 22.36
N ARG C 264 -40.17 9.75 22.91
CA ARG C 264 -40.84 10.91 22.34
C ARG C 264 -39.95 12.14 22.45
N SER C 265 -39.18 12.21 23.54
CA SER C 265 -38.25 13.31 23.73
C SER C 265 -37.19 13.36 22.62
N LEU C 266 -36.53 12.22 22.40
CA LEU C 266 -35.50 12.10 21.38
C LEU C 266 -36.09 12.44 20.01
N LEU C 267 -37.19 11.78 19.63
CA LEU C 267 -37.82 11.96 18.33
C LEU C 267 -38.04 13.45 18.05
N SER C 268 -38.63 14.16 19.03
CA SER C 268 -38.98 15.57 18.88
C SER C 268 -37.73 16.43 18.66
N GLN C 269 -36.62 16.05 19.33
CA GLN C 269 -35.34 16.69 19.14
C GLN C 269 -34.78 16.39 17.75
N MET C 270 -35.02 15.16 17.26
CA MET C 270 -34.59 14.78 15.92
C MET C 270 -35.43 15.51 14.86
N LEU C 271 -36.68 15.82 15.16
CA LEU C 271 -37.57 16.43 14.19
C LEU C 271 -37.80 17.91 14.48
N HIS C 272 -36.87 18.57 15.17
CA HIS C 272 -36.96 20.00 15.38
C HIS C 272 -36.93 20.71 14.03
N TYR C 273 -37.77 21.73 13.87
CA TYR C 273 -37.86 22.52 12.64
C TYR C 273 -36.55 23.28 12.36
N ASP C 274 -36.03 23.99 13.38
CA ASP C 274 -34.82 24.76 13.23
C ASP C 274 -33.64 23.80 13.08
N PRO C 275 -32.92 23.78 11.93
CA PRO C 275 -31.74 22.91 11.74
C PRO C 275 -30.69 23.13 12.81
N ASN C 276 -30.55 24.38 13.28
CA ASN C 276 -29.61 24.70 14.36
C ASN C 276 -30.01 24.06 15.68
N LYS C 277 -31.32 23.87 15.93
CA LYS C 277 -31.77 23.32 17.20
C LYS C 277 -31.77 21.80 17.17
N ARG C 278 -32.00 21.22 15.97
CA ARG C 278 -32.10 19.77 15.79
C ARG C 278 -30.89 19.09 16.46
N ILE C 279 -31.17 18.01 17.19
CA ILE C 279 -30.12 17.29 17.89
C ILE C 279 -29.13 16.74 16.86
N SER C 280 -27.88 16.57 17.29
CA SER C 280 -26.84 15.96 16.46
C SER C 280 -26.85 14.45 16.72
N ALA C 281 -26.37 13.67 15.75
CA ALA C 281 -26.16 12.25 15.94
C ALA C 281 -25.37 12.01 17.24
N LYS C 282 -24.30 12.77 17.43
CA LYS C 282 -23.40 12.58 18.56
C LYS C 282 -24.16 12.81 19.87
N ALA C 283 -24.79 13.99 19.98
CA ALA C 283 -25.64 14.29 21.13
C ALA C 283 -26.62 13.14 21.38
N ALA C 284 -27.38 12.77 20.34
CA ALA C 284 -28.45 11.81 20.44
C ALA C 284 -27.99 10.47 21.02
N LEU C 285 -26.71 10.11 20.86
CA LEU C 285 -26.17 8.85 21.35
C LEU C 285 -26.09 8.85 22.87
N ALA C 286 -26.02 10.04 23.47
CA ALA C 286 -26.07 10.22 24.91
C ALA C 286 -27.50 10.33 25.46
N HIS C 287 -28.51 10.59 24.60
CA HIS C 287 -29.89 10.77 25.08
C HIS C 287 -30.31 9.66 26.05
N PRO C 288 -31.07 9.99 27.13
CA PRO C 288 -31.59 9.01 28.10
C PRO C 288 -32.21 7.74 27.52
N PHE C 289 -32.83 7.87 26.35
CA PHE C 289 -33.53 6.77 25.72
C PHE C 289 -32.62 5.54 25.59
N PHE C 290 -31.30 5.77 25.46
CA PHE C 290 -30.35 4.72 25.08
C PHE C 290 -29.71 4.05 26.30
N GLN C 291 -29.96 4.60 27.50
CA GLN C 291 -29.27 4.19 28.72
C GLN C 291 -29.32 2.68 28.95
N ASP C 292 -30.39 2.00 28.49
CA ASP C 292 -30.59 0.58 28.76
C ASP C 292 -30.51 -0.24 27.46
N VAL C 293 -29.90 0.32 26.42
CA VAL C 293 -29.92 -0.31 25.11
C VAL C 293 -29.21 -1.66 25.18
N THR C 294 -29.70 -2.66 24.41
CA THR C 294 -29.05 -3.94 24.18
C THR C 294 -28.93 -4.16 22.67
N LYS C 295 -28.66 -5.40 22.27
CA LYS C 295 -28.57 -5.74 20.85
C LYS C 295 -29.34 -7.03 20.58
N PRO C 296 -30.70 -7.01 20.54
CA PRO C 296 -31.49 -8.19 20.19
C PRO C 296 -31.29 -8.62 18.74
N VAL C 297 -31.54 -9.91 18.52
CA VAL C 297 -31.59 -10.48 17.18
C VAL C 297 -32.99 -10.23 16.63
N PRO C 298 -33.17 -10.08 15.30
CA PRO C 298 -34.50 -9.93 14.70
C PRO C 298 -35.20 -11.28 14.55
N HIS C 299 -36.53 -11.24 14.49
CA HIS C 299 -37.38 -12.41 14.23
C HIS C 299 -37.33 -12.71 12.72
N LEU C 300 -36.20 -13.27 12.22
CA LEU C 300 -35.91 -13.52 10.80
C LEU C 300 -35.67 -12.20 10.04
N GLY D 1 -25.08 28.18 13.53
CA GLY D 1 -24.65 26.93 14.20
C GLY D 1 -24.42 25.81 13.18
N VAL D 2 -25.51 25.18 12.71
CA VAL D 2 -25.45 23.85 12.13
C VAL D 2 -24.57 23.84 10.88
N ASN D 3 -24.56 24.94 10.13
CA ASN D 3 -23.72 25.08 8.94
C ASN D 3 -22.23 25.06 9.25
N GLU D 4 -21.87 25.33 10.50
CA GLU D 4 -20.49 25.32 10.96
C GLU D 4 -20.20 24.03 11.74
N VAL D 5 -21.14 23.08 11.70
CA VAL D 5 -21.09 21.77 12.34
C VAL D 5 -20.38 21.80 13.69
N PRO D 6 -20.89 22.61 14.65
CA PRO D 6 -20.26 22.75 15.97
C PRO D 6 -19.84 21.44 16.64
N ASP D 7 -20.68 20.40 16.53
CA ASP D 7 -20.43 19.16 17.25
C ASP D 7 -19.41 18.29 16.53
N TYR D 8 -18.95 18.70 15.32
CA TYR D 8 -18.03 17.89 14.54
C TYR D 8 -16.77 18.63 14.06
N HIS D 9 -16.78 19.98 14.01
CA HIS D 9 -15.67 20.78 13.47
C HIS D 9 -14.30 20.23 13.91
N GLU D 10 -14.21 19.80 15.18
CA GLU D 10 -12.96 19.31 15.74
C GLU D 10 -12.57 17.94 15.21
N ASP D 11 -13.52 17.00 15.27
CA ASP D 11 -13.34 15.65 14.71
C ASP D 11 -12.94 15.72 13.24
N ILE D 12 -13.54 16.66 12.49
CA ILE D 12 -13.31 16.84 11.06
C ILE D 12 -11.90 17.38 10.80
N HIS D 13 -11.51 18.42 11.57
CA HIS D 13 -10.19 18.99 11.49
C HIS D 13 -9.12 17.91 11.74
N THR D 14 -9.32 17.11 12.81
CA THR D 14 -8.39 16.05 13.17
C THR D 14 -8.22 15.06 12.01
N TYR D 15 -9.36 14.77 11.36
CA TYR D 15 -9.40 13.74 10.36
C TYR D 15 -8.70 14.26 9.10
N LEU D 16 -9.03 15.50 8.72
CA LEU D 16 -8.40 16.18 7.60
C LEU D 16 -6.89 16.23 7.78
N ARG D 17 -6.42 16.51 9.00
CA ARG D 17 -4.99 16.50 9.32
C ARG D 17 -4.38 15.13 9.02
N GLU D 18 -5.09 14.08 9.43
CA GLU D 18 -4.63 12.72 9.17
C GLU D 18 -4.58 12.45 7.68
N MET D 19 -5.61 12.90 6.95
CA MET D 19 -5.80 12.56 5.55
C MET D 19 -4.82 13.28 4.63
N GLU D 20 -4.53 14.56 4.91
CA GLU D 20 -3.63 15.38 4.10
C GLU D 20 -2.23 14.74 4.03
N VAL D 21 -1.85 14.02 5.10
CA VAL D 21 -0.61 13.26 5.15
C VAL D 21 -0.69 12.06 4.19
N LYS D 22 -1.82 11.36 4.16
CA LYS D 22 -1.98 10.18 3.32
C LYS D 22 -2.10 10.52 1.83
N CYS D 23 -2.69 11.68 1.50
CA CYS D 23 -2.87 12.11 0.11
C CYS D 23 -1.74 13.02 -0.36
N LYS D 24 -0.62 13.03 0.36
CA LYS D 24 0.46 13.94 0.03
C LYS D 24 1.25 13.36 -1.15
N PRO D 25 1.55 14.16 -2.19
CA PRO D 25 2.44 13.73 -3.27
C PRO D 25 3.88 13.54 -2.81
N LYS D 26 4.69 12.83 -3.62
CA LYS D 26 6.12 12.77 -3.41
C LYS D 26 6.75 14.14 -3.66
N VAL D 27 7.39 14.69 -2.62
CA VAL D 27 8.06 15.98 -2.61
C VAL D 27 9.06 16.09 -3.76
N GLY D 28 9.72 15.00 -4.13
CA GLY D 28 10.72 15.20 -5.17
C GLY D 28 10.37 14.46 -6.45
N TYR D 29 9.08 14.50 -6.86
CA TYR D 29 8.61 13.63 -7.93
C TYR D 29 9.21 14.10 -9.25
N MET D 30 9.34 15.41 -9.40
CA MET D 30 9.71 16.01 -10.68
C MET D 30 11.16 15.66 -11.08
N LYS D 31 12.02 15.33 -10.12
CA LYS D 31 13.37 14.87 -10.43
C LYS D 31 13.33 13.47 -11.05
N LYS D 32 12.32 12.66 -10.72
CA LYS D 32 12.20 11.30 -11.22
C LYS D 32 11.39 11.23 -12.53
N GLN D 33 10.86 12.37 -13.01
CA GLN D 33 10.18 12.50 -14.30
C GLN D 33 11.17 12.92 -15.37
N PRO D 34 11.59 12.01 -16.28
CA PRO D 34 12.61 12.36 -17.29
C PRO D 34 12.20 13.37 -18.37
N ASP D 35 10.88 13.45 -18.65
CA ASP D 35 10.43 14.27 -19.79
C ASP D 35 9.75 15.57 -19.36
N ILE D 36 9.49 15.80 -18.06
CA ILE D 36 8.73 16.97 -17.64
C ILE D 36 9.37 17.63 -16.41
N THR D 37 8.98 18.90 -16.17
CA THR D 37 9.66 19.80 -15.25
C THR D 37 8.65 20.62 -14.47
N ASN D 38 9.15 21.34 -13.45
CA ASN D 38 8.33 22.19 -12.59
C ASN D 38 7.67 23.29 -13.41
N SER D 39 8.40 23.75 -14.42
CA SER D 39 8.00 24.86 -15.29
C SER D 39 6.78 24.45 -16.11
N MET D 40 6.82 23.22 -16.63
CA MET D 40 5.72 22.67 -17.41
C MET D 40 4.50 22.52 -16.52
N ARG D 41 4.72 22.03 -15.29
CA ARG D 41 3.65 21.86 -14.34
C ARG D 41 3.00 23.22 -14.04
N ALA D 42 3.84 24.26 -13.94
CA ALA D 42 3.39 25.63 -13.70
C ALA D 42 2.43 26.08 -14.81
N ILE D 43 2.80 25.80 -16.06
CA ILE D 43 1.96 26.18 -17.19
C ILE D 43 0.61 25.46 -17.07
N LEU D 44 0.65 24.17 -16.75
CA LEU D 44 -0.54 23.33 -16.65
C LEU D 44 -1.49 23.86 -15.56
N VAL D 45 -0.95 24.11 -14.36
CA VAL D 45 -1.78 24.59 -13.27
C VAL D 45 -2.37 25.96 -13.65
N ASP D 46 -1.56 26.81 -14.32
CA ASP D 46 -2.04 28.13 -14.71
C ASP D 46 -3.20 28.02 -15.69
N TRP D 47 -3.10 27.08 -16.64
CA TRP D 47 -4.16 26.80 -17.59
C TRP D 47 -5.41 26.28 -16.87
N LEU D 48 -5.23 25.41 -15.87
CA LEU D 48 -6.37 24.92 -15.10
C LEU D 48 -7.11 26.06 -14.38
N VAL D 49 -6.39 27.09 -13.94
CA VAL D 49 -7.00 28.24 -13.29
C VAL D 49 -7.93 28.96 -14.28
N GLU D 50 -7.43 29.17 -15.51
CA GLU D 50 -8.21 29.77 -16.59
C GLU D 50 -9.47 28.95 -16.85
N VAL D 51 -9.31 27.64 -17.04
CA VAL D 51 -10.41 26.72 -17.27
C VAL D 51 -11.44 26.88 -16.16
N GLY D 52 -10.98 26.90 -14.90
CA GLY D 52 -11.86 27.15 -13.76
C GLY D 52 -12.61 28.49 -13.82
N GLU D 53 -12.04 29.51 -14.48
CA GLU D 53 -12.68 30.82 -14.61
C GLU D 53 -13.63 30.82 -15.78
N GLU D 54 -13.20 30.25 -16.91
CA GLU D 54 -14.03 30.05 -18.08
C GLU D 54 -15.35 29.34 -17.70
N TYR D 55 -15.28 28.24 -16.93
CA TYR D 55 -16.45 27.42 -16.65
C TYR D 55 -17.04 27.71 -15.27
N LYS D 56 -16.48 28.71 -14.58
CA LYS D 56 -17.01 29.20 -13.30
C LYS D 56 -17.10 28.05 -12.28
N LEU D 57 -15.98 27.33 -12.14
CA LEU D 57 -15.87 26.20 -11.23
C LEU D 57 -15.49 26.73 -9.85
N GLN D 58 -15.85 25.93 -8.83
CA GLN D 58 -15.42 26.14 -7.46
C GLN D 58 -13.89 26.19 -7.42
N ASN D 59 -13.36 27.01 -6.51
CA ASN D 59 -11.93 27.04 -6.26
C ASN D 59 -11.45 25.70 -5.71
N GLU D 60 -12.33 25.03 -4.93
CA GLU D 60 -12.09 23.73 -4.35
C GLU D 60 -11.80 22.71 -5.45
N THR D 61 -12.56 22.79 -6.55
CA THR D 61 -12.37 21.89 -7.68
C THR D 61 -10.93 22.01 -8.19
N LEU D 62 -10.44 23.25 -8.34
CA LEU D 62 -9.10 23.53 -8.80
C LEU D 62 -8.05 22.86 -7.91
N HIS D 63 -8.24 23.00 -6.59
CA HIS D 63 -7.31 22.46 -5.62
C HIS D 63 -7.27 20.93 -5.69
N LEU D 64 -8.47 20.32 -5.80
CA LEU D 64 -8.57 18.87 -5.95
C LEU D 64 -7.81 18.41 -7.20
N ALA D 65 -8.02 19.09 -8.32
CA ALA D 65 -7.41 18.70 -9.58
C ALA D 65 -5.88 18.65 -9.41
N VAL D 66 -5.33 19.68 -8.75
CA VAL D 66 -3.89 19.78 -8.55
C VAL D 66 -3.39 18.63 -7.67
N ASN D 67 -4.12 18.33 -6.58
CA ASN D 67 -3.81 17.17 -5.74
C ASN D 67 -3.74 15.90 -6.60
N TYR D 68 -4.74 15.70 -7.49
CA TYR D 68 -4.85 14.48 -8.29
C TYR D 68 -3.67 14.36 -9.25
N ILE D 69 -3.25 15.50 -9.82
CA ILE D 69 -2.16 15.56 -10.78
C ILE D 69 -0.85 15.17 -10.09
N ASP D 70 -0.55 15.87 -9.00
CA ASP D 70 0.70 15.66 -8.27
C ASP D 70 0.82 14.19 -7.85
N ARG D 71 -0.27 13.61 -7.40
CA ARG D 71 -0.23 12.23 -6.91
C ARG D 71 -0.04 11.29 -8.09
N PHE D 72 -0.76 11.55 -9.18
CA PHE D 72 -0.62 10.75 -10.38
C PHE D 72 0.84 10.74 -10.87
N LEU D 73 1.43 11.94 -11.00
CA LEU D 73 2.80 12.10 -11.46
C LEU D 73 3.79 11.61 -10.42
N SER D 74 3.31 11.42 -9.18
CA SER D 74 4.12 10.82 -8.12
C SER D 74 4.38 9.33 -8.37
N SER D 75 3.50 8.69 -9.14
CA SER D 75 3.70 7.27 -9.41
C SER D 75 3.72 6.90 -10.90
N MET D 76 3.46 7.83 -11.82
CA MET D 76 3.42 7.51 -13.24
C MET D 76 4.30 8.48 -14.05
N SER D 77 5.21 7.91 -14.87
CA SER D 77 6.02 8.68 -15.81
C SER D 77 5.10 9.10 -16.93
N VAL D 78 5.17 10.39 -17.31
CA VAL D 78 4.31 10.98 -18.33
C VAL D 78 5.17 11.80 -19.29
N LEU D 79 5.01 11.56 -20.61
CA LEU D 79 5.68 12.35 -21.64
C LEU D 79 5.04 13.73 -21.70
N ARG D 80 5.79 14.70 -22.22
CA ARG D 80 5.37 16.09 -22.26
C ARG D 80 4.06 16.27 -23.03
N GLY D 81 3.89 15.57 -24.16
CA GLY D 81 2.73 15.72 -25.00
C GLY D 81 1.46 15.17 -24.36
N LYS D 82 1.62 14.52 -23.19
CA LYS D 82 0.49 13.90 -22.52
C LYS D 82 0.19 14.60 -21.20
N LEU D 83 1.06 15.54 -20.79
CA LEU D 83 0.90 16.26 -19.54
C LEU D 83 -0.49 16.89 -19.45
N GLN D 84 -0.92 17.53 -20.54
CA GLN D 84 -2.21 18.19 -20.57
C GLN D 84 -3.36 17.17 -20.51
N LEU D 85 -3.16 15.97 -21.04
CA LEU D 85 -4.20 14.97 -20.99
C LEU D 85 -4.46 14.55 -19.55
N VAL D 86 -3.39 14.39 -18.75
CA VAL D 86 -3.50 14.10 -17.33
C VAL D 86 -4.24 15.24 -16.61
N GLY D 87 -3.87 16.48 -16.92
CA GLY D 87 -4.51 17.64 -16.28
C GLY D 87 -6.01 17.74 -16.58
N THR D 88 -6.42 17.52 -17.85
CA THR D 88 -7.81 17.59 -18.30
C THR D 88 -8.62 16.53 -17.58
N ALA D 89 -8.09 15.31 -17.52
CA ALA D 89 -8.73 14.20 -16.82
C ALA D 89 -8.86 14.51 -15.34
N ALA D 90 -7.83 15.11 -14.74
CA ALA D 90 -7.88 15.49 -13.32
C ALA D 90 -8.97 16.54 -13.04
N MET D 91 -9.05 17.57 -13.89
CA MET D 91 -10.05 18.62 -13.73
C MET D 91 -11.44 18.00 -13.88
N LEU D 92 -11.61 17.03 -14.82
CA LEU D 92 -12.88 16.38 -15.06
C LEU D 92 -13.31 15.63 -13.81
N LEU D 93 -12.38 14.87 -13.23
CA LEU D 93 -12.67 14.06 -12.07
C LEU D 93 -13.04 14.95 -10.90
N ALA D 94 -12.28 16.05 -10.70
CA ALA D 94 -12.54 16.98 -9.59
C ALA D 94 -13.92 17.60 -9.76
N SER D 95 -14.29 17.89 -11.01
CA SER D 95 -15.58 18.50 -11.33
C SER D 95 -16.71 17.55 -10.96
N LYS D 96 -16.56 16.29 -11.38
CA LYS D 96 -17.51 15.24 -11.04
C LYS D 96 -17.58 15.06 -9.53
N PHE D 97 -16.45 15.11 -8.81
CA PHE D 97 -16.47 14.92 -7.37
C PHE D 97 -17.21 16.06 -6.71
N GLU D 98 -16.90 17.29 -7.14
CA GLU D 98 -17.13 18.48 -6.32
C GLU D 98 -18.28 19.34 -6.83
N GLU D 99 -18.49 19.42 -8.15
CA GLU D 99 -19.40 20.42 -8.71
C GLU D 99 -20.84 19.90 -8.66
N ILE D 100 -21.80 20.82 -8.47
CA ILE D 100 -23.21 20.44 -8.58
C ILE D 100 -23.54 20.14 -10.05
N TYR D 101 -23.02 20.98 -10.95
CA TYR D 101 -23.25 20.91 -12.40
C TYR D 101 -21.91 20.87 -13.14
N PRO D 102 -21.18 19.74 -13.14
CA PRO D 102 -19.89 19.67 -13.82
C PRO D 102 -20.03 20.02 -15.30
N PRO D 103 -19.01 20.61 -15.94
CA PRO D 103 -19.04 20.73 -17.39
C PRO D 103 -19.14 19.30 -17.93
N GLU D 104 -19.69 19.15 -19.14
CA GLU D 104 -19.71 17.84 -19.77
C GLU D 104 -18.33 17.51 -20.32
N VAL D 105 -18.10 16.22 -20.59
CA VAL D 105 -16.84 15.75 -21.13
C VAL D 105 -16.47 16.51 -22.40
N ALA D 106 -17.46 16.78 -23.27
CA ALA D 106 -17.20 17.46 -24.53
C ALA D 106 -16.51 18.80 -24.29
N GLU D 107 -16.87 19.46 -23.19
CA GLU D 107 -16.31 20.76 -22.88
C GLU D 107 -14.86 20.61 -22.43
N PHE D 108 -14.52 19.47 -21.83
CA PHE D 108 -13.15 19.22 -21.42
C PHE D 108 -12.27 18.91 -22.63
N VAL D 109 -12.89 18.33 -23.67
CA VAL D 109 -12.22 18.11 -24.94
C VAL D 109 -12.03 19.45 -25.66
N TYR D 110 -13.04 20.31 -25.63
CA TYR D 110 -13.01 21.57 -26.36
C TYR D 110 -11.82 22.41 -25.93
N ILE D 111 -11.61 22.54 -24.61
CA ILE D 111 -10.58 23.40 -24.03
C ILE D 111 -9.15 22.96 -24.38
N THR D 112 -8.97 21.73 -24.89
CA THR D 112 -7.67 21.22 -25.31
C THR D 112 -7.43 21.45 -26.81
N ASP D 113 -8.27 22.28 -27.43
CA ASP D 113 -8.08 22.70 -28.85
C ASP D 113 -7.89 21.46 -29.73
N ASP D 114 -8.63 20.40 -29.44
CA ASP D 114 -8.57 19.16 -30.27
C ASP D 114 -7.17 18.54 -30.25
N THR D 115 -6.42 18.73 -29.15
CA THR D 115 -5.12 18.04 -29.02
C THR D 115 -5.43 16.60 -28.67
N TYR D 116 -6.58 16.36 -28.05
CA TYR D 116 -6.91 15.01 -27.63
C TYR D 116 -8.36 14.71 -28.03
N THR D 117 -8.64 13.43 -28.35
CA THR D 117 -10.00 12.95 -28.58
C THR D 117 -10.71 12.79 -27.24
N LYS D 118 -12.04 12.65 -27.33
CA LYS D 118 -12.86 12.37 -26.17
C LYS D 118 -12.48 11.01 -25.58
N LYS D 119 -12.17 10.03 -26.42
CA LYS D 119 -11.83 8.68 -25.99
C LYS D 119 -10.55 8.72 -25.14
N GLN D 120 -9.59 9.56 -25.56
CA GLN D 120 -8.35 9.73 -24.82
C GLN D 120 -8.63 10.29 -23.43
N VAL D 121 -9.51 11.28 -23.33
CA VAL D 121 -9.80 11.91 -22.06
C VAL D 121 -10.48 10.89 -21.15
N LEU D 122 -11.42 10.13 -21.68
CA LEU D 122 -12.20 9.20 -20.84
C LEU D 122 -11.35 8.01 -20.38
N ARG D 123 -10.37 7.62 -21.18
CA ARG D 123 -9.47 6.52 -20.79
C ARG D 123 -8.47 7.03 -19.74
N MET D 124 -8.03 8.28 -19.87
CA MET D 124 -7.13 8.88 -18.87
C MET D 124 -7.94 9.08 -17.60
N GLU D 125 -9.22 9.42 -17.75
CA GLU D 125 -10.04 9.54 -16.55
C GLU D 125 -9.98 8.24 -15.76
N HIS D 126 -10.14 7.11 -16.46
CA HIS D 126 -10.16 5.79 -15.84
C HIS D 126 -8.76 5.43 -15.33
N LEU D 127 -7.70 5.73 -16.10
CA LEU D 127 -6.36 5.45 -15.61
C LEU D 127 -6.09 6.21 -14.30
N VAL D 128 -6.47 7.49 -14.26
CA VAL D 128 -6.25 8.30 -13.08
C VAL D 128 -6.94 7.68 -11.86
N LEU D 129 -8.19 7.25 -12.06
CA LEU D 129 -8.96 6.60 -10.99
C LEU D 129 -8.26 5.34 -10.49
N LYS D 130 -7.71 4.52 -11.40
CA LYS D 130 -7.04 3.27 -11.06
C LYS D 130 -5.73 3.57 -10.30
N VAL D 131 -4.98 4.57 -10.75
CA VAL D 131 -3.72 4.93 -10.12
C VAL D 131 -3.96 5.47 -8.70
N LEU D 132 -5.01 6.31 -8.50
CA LEU D 132 -5.34 6.83 -7.18
C LEU D 132 -6.25 5.86 -6.40
N ALA D 133 -6.64 4.76 -7.05
CA ALA D 133 -7.54 3.76 -6.43
C ALA D 133 -8.78 4.44 -5.83
N PHE D 134 -9.32 5.44 -6.56
CA PHE D 134 -10.53 6.18 -6.21
C PHE D 134 -10.40 6.92 -4.87
N ASP D 135 -9.16 7.22 -4.45
N ASP D 135 -9.16 7.19 -4.44
CA ASP D 135 -8.96 8.00 -3.23
CA ASP D 135 -8.94 8.01 -3.22
C ASP D 135 -8.99 9.47 -3.59
C ASP D 135 -9.00 9.47 -3.69
N LEU D 136 -10.20 10.03 -3.73
CA LEU D 136 -10.40 11.36 -4.30
C LEU D 136 -10.78 12.42 -3.28
N ALA D 137 -11.19 11.99 -2.07
CA ALA D 137 -11.64 12.96 -1.07
C ALA D 137 -10.43 13.53 -0.35
N ALA D 138 -9.54 14.22 -1.08
CA ALA D 138 -8.32 14.79 -0.54
C ALA D 138 -8.59 16.12 0.17
N PRO D 139 -7.98 16.35 1.36
CA PRO D 139 -8.10 17.66 2.00
C PRO D 139 -7.27 18.67 1.19
N THR D 140 -7.81 19.89 1.03
CA THR D 140 -7.19 20.97 0.25
C THR D 140 -6.80 22.12 1.17
N ILE D 141 -5.98 23.04 0.65
CA ILE D 141 -5.72 24.31 1.30
C ILE D 141 -7.03 25.03 1.65
N ASN D 142 -7.98 25.04 0.71
CA ASN D 142 -9.24 25.75 0.90
C ASN D 142 -10.06 25.12 2.02
N GLN D 143 -10.01 23.79 2.16
CA GLN D 143 -10.75 23.12 3.23
C GLN D 143 -10.31 23.63 4.60
N PHE D 144 -9.01 23.92 4.74
CA PHE D 144 -8.45 24.43 5.98
C PHE D 144 -8.71 25.94 6.11
N LEU D 145 -8.57 26.70 5.01
CA LEU D 145 -8.85 28.14 5.00
C LEU D 145 -10.28 28.47 5.45
N THR D 146 -11.28 27.72 4.97
CA THR D 146 -12.69 28.03 5.25
C THR D 146 -12.96 27.90 6.73
N GLN D 147 -12.25 26.95 7.37
CA GLN D 147 -12.31 26.67 8.81
C GLN D 147 -11.58 27.76 9.61
N TYR D 148 -10.40 28.16 9.11
CA TYR D 148 -9.61 29.22 9.73
C TYR D 148 -10.42 30.52 9.71
N PHE D 149 -11.11 30.81 8.59
CA PHE D 149 -11.87 32.04 8.39
C PHE D 149 -12.95 32.24 9.46
N LEU D 150 -13.36 31.15 10.13
CA LEU D 150 -14.36 31.21 11.18
C LEU D 150 -13.82 31.87 12.44
N HIS D 151 -12.49 31.85 12.60
CA HIS D 151 -11.86 32.43 13.81
C HIS D 151 -11.55 33.91 13.53
N GLN D 152 -11.96 34.48 12.53
CA GLN D 152 -11.74 35.92 12.28
C GLN D 152 -12.76 36.69 13.11
N GLN D 153 -12.57 37.87 13.43
CA GLN D 153 -13.39 38.63 14.41
C GLN D 153 -13.01 40.11 14.30
N PRO D 154 -13.62 40.89 13.39
CA PRO D 154 -14.76 40.40 12.62
C PRO D 154 -14.31 39.70 11.36
N ALA D 155 -15.23 39.57 10.40
CA ALA D 155 -14.91 38.88 9.13
C ALA D 155 -14.54 39.88 8.06
N ASN D 156 -13.38 39.70 7.42
CA ASN D 156 -12.93 40.59 6.37
C ASN D 156 -13.00 39.81 5.05
N CYS D 157 -13.74 40.36 4.09
CA CYS D 157 -13.89 39.70 2.77
C CYS D 157 -12.58 39.82 2.00
N LYS D 158 -11.89 40.95 2.19
CA LYS D 158 -10.58 41.14 1.51
C LYS D 158 -9.57 40.14 2.08
N VAL D 159 -9.51 40.02 3.41
CA VAL D 159 -8.59 39.01 4.02
C VAL D 159 -8.94 37.65 3.39
N GLU D 160 -10.22 37.29 3.36
CA GLU D 160 -10.63 36.02 2.79
C GLU D 160 -10.15 35.90 1.35
N SER D 161 -10.55 36.85 0.50
CA SER D 161 -10.13 36.87 -0.89
C SER D 161 -8.60 36.80 -1.02
N LEU D 162 -7.89 37.49 -0.12
CA LEU D 162 -6.44 37.55 -0.22
C LEU D 162 -5.82 36.21 0.19
N ALA D 163 -6.38 35.59 1.22
CA ALA D 163 -5.88 34.30 1.66
C ALA D 163 -6.09 33.25 0.57
N MET D 164 -7.25 33.31 -0.09
CA MET D 164 -7.59 32.39 -1.16
C MET D 164 -6.56 32.51 -2.28
N PHE D 165 -6.26 33.77 -2.66
CA PHE D 165 -5.31 34.16 -3.68
C PHE D 165 -3.92 33.58 -3.43
N LEU D 166 -3.42 33.75 -2.20
CA LEU D 166 -2.07 33.32 -1.85
C LEU D 166 -2.03 31.79 -1.91
N GLY D 167 -3.07 31.16 -1.34
CA GLY D 167 -3.25 29.71 -1.42
C GLY D 167 -3.05 29.19 -2.85
N GLU D 168 -3.71 29.88 -3.80
CA GLU D 168 -3.72 29.52 -5.21
C GLU D 168 -2.34 29.75 -5.86
N LEU D 169 -1.64 30.82 -5.49
CA LEU D 169 -0.31 31.06 -6.03
C LEU D 169 0.59 29.86 -5.73
N SER D 170 0.44 29.28 -4.54
CA SER D 170 1.26 28.16 -4.13
C SER D 170 1.00 26.93 -5.01
N LEU D 171 -0.20 26.81 -5.59
CA LEU D 171 -0.53 25.69 -6.46
C LEU D 171 0.47 25.61 -7.63
N ILE D 172 0.97 26.78 -8.06
CA ILE D 172 1.64 26.92 -9.35
C ILE D 172 3.06 26.34 -9.30
N ASP D 173 3.69 26.40 -8.11
CA ASP D 173 5.12 26.19 -7.96
C ASP D 173 5.36 25.00 -7.03
N ALA D 174 5.69 23.85 -7.63
CA ALA D 174 5.95 22.59 -6.94
C ALA D 174 7.17 22.73 -6.03
N ASP D 175 8.13 23.54 -6.50
CA ASP D 175 9.24 23.99 -5.70
C ASP D 175 8.96 25.46 -5.33
N PRO D 176 8.70 25.82 -4.05
CA PRO D 176 8.84 24.91 -2.90
C PRO D 176 7.64 24.16 -2.34
N TYR D 177 6.43 24.46 -2.81
CA TYR D 177 5.22 24.19 -2.05
C TYR D 177 4.88 22.70 -1.87
N LEU D 178 5.45 21.81 -2.66
CA LEU D 178 5.19 20.38 -2.49
C LEU D 178 5.68 19.86 -1.13
N LYS D 179 6.60 20.57 -0.49
CA LYS D 179 7.18 20.08 0.75
C LYS D 179 6.39 20.57 1.97
N TYR D 180 5.39 21.43 1.76
CA TYR D 180 4.46 21.87 2.80
C TYR D 180 3.11 21.19 2.62
N LEU D 181 2.45 20.85 3.74
CA LEU D 181 1.12 20.30 3.81
C LEU D 181 0.08 21.39 3.58
N PRO D 182 -1.12 21.05 3.05
CA PRO D 182 -2.19 22.03 2.88
C PRO D 182 -2.52 22.85 4.12
N SER D 183 -2.56 22.19 5.30
CA SER D 183 -2.90 22.88 6.55
C SER D 183 -1.90 24.01 6.81
N VAL D 184 -0.61 23.75 6.54
CA VAL D 184 0.50 24.67 6.77
C VAL D 184 0.46 25.82 5.76
N ILE D 185 0.26 25.49 4.47
CA ILE D 185 0.16 26.54 3.46
C ILE D 185 -1.03 27.44 3.76
N ALA D 186 -2.13 26.85 4.23
CA ALA D 186 -3.36 27.60 4.53
C ALA D 186 -3.15 28.53 5.72
N ALA D 187 -2.40 28.07 6.74
CA ALA D 187 -2.05 28.88 7.90
C ALA D 187 -1.21 30.07 7.46
N ALA D 188 -0.09 29.80 6.80
CA ALA D 188 0.79 30.81 6.24
C ALA D 188 0.01 31.81 5.39
N ALA D 189 -0.87 31.28 4.52
CA ALA D 189 -1.65 32.15 3.65
C ALA D 189 -2.59 33.06 4.44
N PHE D 190 -3.11 32.57 5.58
CA PHE D 190 -4.10 33.28 6.36
C PHE D 190 -3.45 34.41 7.16
N HIS D 191 -2.35 34.07 7.86
CA HIS D 191 -1.54 35.08 8.51
C HIS D 191 -1.17 36.22 7.55
N LEU D 192 -0.53 35.87 6.45
CA LEU D 192 0.05 36.82 5.50
C LEU D 192 -1.02 37.74 4.90
N ALA D 193 -2.27 37.26 4.77
CA ALA D 193 -3.38 38.03 4.23
C ALA D 193 -3.97 38.95 5.31
N LEU D 194 -4.09 38.38 6.52
CA LEU D 194 -4.63 39.07 7.68
C LEU D 194 -3.74 40.27 8.00
N TYR D 195 -2.42 40.02 8.11
CA TYR D 195 -1.40 41.04 8.32
C TYR D 195 -1.53 42.14 7.27
N THR D 196 -1.43 41.79 6.00
CA THR D 196 -1.45 42.72 4.86
C THR D 196 -2.62 43.70 4.92
N VAL D 197 -3.79 43.24 5.37
CA VAL D 197 -5.00 44.05 5.28
C VAL D 197 -5.30 44.75 6.60
N THR D 198 -5.10 44.06 7.74
CA THR D 198 -5.53 44.55 9.04
C THR D 198 -4.37 44.86 9.98
N GLY D 199 -3.18 44.31 9.72
CA GLY D 199 -2.05 44.47 10.62
C GLY D 199 -1.96 43.35 11.66
N GLN D 200 -3.03 42.54 11.72
CA GLN D 200 -3.18 41.52 12.76
C GLN D 200 -2.40 40.26 12.39
N SER D 201 -2.29 39.36 13.39
CA SER D 201 -1.50 38.14 13.29
C SER D 201 -2.38 36.91 13.42
N TRP D 202 -1.79 35.76 13.07
CA TRP D 202 -2.28 34.41 13.32
C TRP D 202 -2.87 34.32 14.73
N PRO D 203 -4.22 34.32 14.89
CA PRO D 203 -4.85 34.41 16.21
C PRO D 203 -4.56 33.20 17.09
N GLU D 204 -4.65 33.44 18.41
CA GLU D 204 -4.33 32.45 19.43
C GLU D 204 -5.29 31.27 19.34
N SER D 205 -6.55 31.55 19.00
CA SER D 205 -7.60 30.54 18.94
C SER D 205 -7.31 29.49 17.87
N LEU D 206 -6.58 29.89 16.82
CA LEU D 206 -6.09 29.03 15.76
C LEU D 206 -4.78 28.34 16.14
N VAL D 207 -4.00 28.94 17.05
CA VAL D 207 -2.84 28.27 17.61
C VAL D 207 -3.29 27.03 18.38
N GLN D 208 -4.41 27.19 19.12
CA GLN D 208 -4.95 26.14 19.96
C GLN D 208 -5.54 25.01 19.12
N LYS D 209 -6.22 25.38 18.03
CA LYS D 209 -6.84 24.46 17.09
C LYS D 209 -5.82 23.56 16.39
N THR D 210 -4.79 24.17 15.78
CA THR D 210 -3.90 23.56 14.77
C THR D 210 -2.58 23.08 15.39
N GLY D 211 -2.24 23.59 16.57
CA GLY D 211 -0.94 23.34 17.17
C GLY D 211 0.19 24.04 16.41
N TYR D 212 -0.14 25.06 15.59
CA TYR D 212 0.81 25.78 14.75
C TYR D 212 1.02 27.21 15.27
N THR D 213 2.30 27.55 15.46
CA THR D 213 2.73 28.87 15.89
C THR D 213 3.45 29.54 14.73
N LEU D 214 3.54 30.87 14.77
CA LEU D 214 4.28 31.62 13.76
C LEU D 214 5.72 31.10 13.68
N GLU D 215 6.20 30.52 14.79
CA GLU D 215 7.49 29.84 14.81
C GLU D 215 7.45 28.64 13.86
N THR D 216 6.45 27.76 13.99
CA THR D 216 6.38 26.56 13.16
C THR D 216 6.06 26.92 11.70
N LEU D 217 5.36 28.05 11.50
CA LEU D 217 4.92 28.52 10.19
C LEU D 217 5.97 29.37 9.45
N LYS D 218 7.18 29.54 9.99
CA LYS D 218 8.12 30.52 9.46
C LYS D 218 8.65 30.08 8.09
N PRO D 219 9.22 28.86 7.89
CA PRO D 219 9.66 28.51 6.55
C PRO D 219 8.65 28.84 5.47
N CYS D 220 7.42 28.34 5.62
CA CYS D 220 6.39 28.54 4.56
C CYS D 220 6.06 30.03 4.44
N LEU D 221 5.89 30.70 5.56
CA LEU D 221 5.58 32.16 5.54
C LEU D 221 6.65 32.86 4.70
N LEU D 222 7.91 32.49 4.90
CA LEU D 222 9.01 33.14 4.14
C LEU D 222 8.82 32.85 2.64
N ASP D 223 8.83 31.57 2.28
CA ASP D 223 8.63 31.19 0.86
C ASP D 223 7.39 31.90 0.32
N LEU D 224 6.30 31.93 1.08
CA LEU D 224 5.05 32.49 0.57
C LEU D 224 5.12 34.02 0.49
N HIS D 225 5.85 34.63 1.44
CA HIS D 225 6.13 36.06 1.35
C HIS D 225 6.86 36.36 0.05
N GLN D 226 7.88 35.55 -0.26
CA GLN D 226 8.73 35.73 -1.45
C GLN D 226 7.83 35.65 -2.68
N THR D 227 7.01 34.59 -2.75
CA THR D 227 6.11 34.33 -3.87
C THR D 227 5.19 35.53 -4.11
N TYR D 228 4.67 36.09 -3.00
CA TYR D 228 3.70 37.17 -3.07
C TYR D 228 4.39 38.40 -3.66
N LEU D 229 5.65 38.62 -3.28
CA LEU D 229 6.41 39.78 -3.70
C LEU D 229 6.70 39.72 -5.18
N ARG D 230 7.01 38.52 -5.69
CA ARG D 230 7.50 38.32 -7.05
C ARG D 230 6.38 38.06 -8.04
N ALA D 231 5.16 37.89 -7.51
CA ALA D 231 3.99 37.51 -8.26
C ALA D 231 3.83 38.24 -9.60
N PRO D 232 3.97 39.60 -9.69
CA PRO D 232 3.85 40.30 -10.96
C PRO D 232 4.90 39.96 -12.02
N GLN D 233 5.99 39.28 -11.62
CA GLN D 233 7.06 38.90 -12.55
C GLN D 233 7.00 37.42 -12.91
N HIS D 234 6.14 36.66 -12.22
CA HIS D 234 5.97 35.23 -12.51
C HIS D 234 5.52 35.04 -13.96
N ALA D 235 6.06 34.01 -14.63
CA ALA D 235 5.68 33.69 -16.00
C ALA D 235 4.18 33.33 -16.07
N GLN D 236 3.59 33.01 -14.92
CA GLN D 236 2.20 32.58 -14.77
C GLN D 236 1.42 33.68 -14.04
N GLN D 237 0.36 34.17 -14.72
CA GLN D 237 -0.35 35.41 -14.39
C GLN D 237 -1.86 35.23 -14.22
N SER D 238 -2.42 34.06 -14.59
CA SER D 238 -3.87 33.85 -14.57
C SER D 238 -4.48 34.04 -13.19
N ILE D 239 -3.74 33.70 -12.13
CA ILE D 239 -4.25 33.86 -10.77
C ILE D 239 -4.33 35.33 -10.41
N ARG D 240 -3.32 36.11 -10.81
CA ARG D 240 -3.34 37.56 -10.59
C ARG D 240 -4.47 38.23 -11.38
N GLU D 241 -4.61 37.88 -12.67
CA GLU D 241 -5.72 38.36 -13.50
C GLU D 241 -7.04 38.08 -12.79
N LYS D 242 -7.21 36.81 -12.34
CA LYS D 242 -8.41 36.30 -11.72
C LYS D 242 -8.80 37.16 -10.51
N TYR D 243 -7.80 37.46 -9.65
CA TYR D 243 -8.04 38.09 -8.36
C TYR D 243 -7.94 39.62 -8.46
N LYS D 244 -7.98 40.17 -9.67
CA LYS D 244 -8.18 41.61 -9.92
C LYS D 244 -9.67 41.90 -10.02
N ASN D 245 -10.43 40.89 -10.44
CA ASN D 245 -11.89 40.92 -10.54
C ASN D 245 -12.46 41.45 -9.22
N SER D 246 -13.62 42.11 -9.33
CA SER D 246 -14.36 42.65 -8.19
C SER D 246 -14.88 41.53 -7.28
N LYS D 247 -15.37 40.46 -7.90
CA LYS D 247 -15.78 39.24 -7.21
C LYS D 247 -14.82 38.89 -6.08
N TYR D 248 -13.52 39.18 -6.27
CA TYR D 248 -12.47 38.88 -5.28
C TYR D 248 -11.95 40.16 -4.62
N HIS D 249 -12.70 41.27 -4.78
CA HIS D 249 -12.39 42.56 -4.17
C HIS D 249 -11.01 43.04 -4.61
N GLY D 250 -10.59 42.65 -5.83
CA GLY D 250 -9.35 43.06 -6.47
C GLY D 250 -8.10 42.92 -5.60
N VAL D 251 -8.08 41.94 -4.69
CA VAL D 251 -7.05 41.81 -3.67
C VAL D 251 -5.66 41.60 -4.29
N SER D 252 -5.59 41.19 -5.57
CA SER D 252 -4.29 40.98 -6.21
C SER D 252 -3.57 42.30 -6.45
N LEU D 253 -4.32 43.40 -6.51
CA LEU D 253 -3.81 44.73 -6.77
C LEU D 253 -3.21 45.36 -5.51
N LEU D 254 -3.56 44.85 -4.32
CA LEU D 254 -2.97 45.33 -3.09
C LEU D 254 -1.44 45.18 -3.16
N ASN D 255 -0.72 46.05 -2.44
CA ASN D 255 0.74 45.95 -2.35
C ASN D 255 1.10 44.98 -1.23
N PRO D 256 1.93 43.95 -1.49
CA PRO D 256 2.43 43.10 -0.42
C PRO D 256 3.15 43.95 0.62
N PRO D 257 3.16 43.57 1.92
CA PRO D 257 3.95 44.28 2.93
C PRO D 257 5.41 43.96 2.59
N GLU D 258 6.31 44.90 2.92
CA GLU D 258 7.71 44.78 2.57
C GLU D 258 8.43 43.80 3.49
N THR D 259 8.00 43.72 4.76
CA THR D 259 8.58 42.87 5.78
C THR D 259 7.48 42.33 6.68
N LEU D 260 7.77 41.22 7.36
CA LEU D 260 6.80 40.49 8.18
C LEU D 260 6.98 40.77 9.67
N ASN D 261 8.20 41.16 10.06
CA ASN D 261 8.53 41.48 11.45
C ASN D 261 8.27 40.23 12.31
N VAL D 262 9.11 39.19 12.10
CA VAL D 262 8.90 37.86 12.65
C VAL D 262 10.02 37.47 13.63
C4 IT4 E . 13.80 -4.53 -18.71
C4 IT4 E . 13.76 -5.19 -16.89
C5 IT4 E . 14.24 -4.97 -19.94
C5 IT4 E . 13.80 -4.76 -18.21
C6 IT4 E . 14.68 -6.27 -20.14
C6 IT4 E . 14.10 -5.61 -19.26
C7 IT4 E . 14.67 -7.15 -19.08
C7 IT4 E . 14.40 -6.92 -18.98
C3 IT4 E . 13.81 -5.42 -17.66
C3 IT4 E . 14.05 -6.49 -16.64
O1 IT4 E . 14.50 -8.88 -16.89
O1 IT4 E . 15.08 -9.56 -18.27
C1 IT4 E . 14.25 -7.69 -16.66
C1 IT4 E . 14.66 -8.81 -17.34
O2 IT4 E . 14.05 -7.23 -15.52
O2 IT4 E . 14.53 -9.13 -16.13
C2 IT4 E . 14.23 -6.74 -17.81
C2 IT4 E . 14.37 -7.39 -17.66
BR1 IT4 E . 14.27 -3.77 -21.41
BR1 IT4 E . 13.49 -2.95 -18.65
O3 IT4 E . 15.11 -8.42 -19.30
O3 IT4 E . 14.68 -7.75 -20.02
C4 IT4 F . 38.49 -33.75 -14.18
C5 IT4 F . 38.73 -33.52 -12.83
C6 IT4 F . 37.71 -33.43 -11.89
C7 IT4 F . 36.41 -33.55 -12.33
C3 IT4 F . 37.18 -33.86 -14.60
O1 IT4 F . 34.38 -34.10 -15.33
C1 IT4 F . 34.68 -33.92 -14.12
O2 IT4 F . 33.83 -33.94 -13.20
C2 IT4 F . 36.11 -33.77 -13.69
BR1 IT4 F . 40.51 -33.40 -12.18
O3 IT4 F . 35.44 -33.44 -11.39
C4 IT4 G . 1.06 -9.03 -25.22
C5 IT4 G . 2.17 -8.22 -25.01
C6 IT4 G . 2.08 -6.84 -25.20
C7 IT4 G . 0.88 -6.27 -25.58
C3 IT4 G . -0.14 -8.45 -25.62
O1 IT4 G . -1.56 -5.24 -26.54
C1 IT4 G . -1.55 -6.46 -26.25
O2 IT4 G . -2.60 -7.17 -26.25
C2 IT4 G . -0.25 -7.07 -25.81
BR1 IT4 G . 3.84 -8.97 -24.43
O3 IT4 G . 0.86 -4.92 -25.75
C4 IT4 H . 2.25 -3.78 -8.59
C5 IT4 H . 3.48 -4.40 -8.59
C6 IT4 H . 3.62 -5.76 -8.37
C7 IT4 H . 2.48 -6.51 -8.13
C3 IT4 H . 1.12 -4.53 -8.33
O1 IT4 H . -1.06 -6.06 -7.80
C1 IT4 H . 0.01 -6.73 -7.81
O2 IT4 H . 0.08 -7.99 -7.73
C2 IT4 H . 1.22 -5.92 -8.08
BR1 IT4 H . 5.06 -3.42 -8.97
O3 IT4 H . 2.63 -7.83 -7.89
C4 IT4 I . -8.52 -30.41 10.35
C5 IT4 I . -8.45 -29.92 9.05
C6 IT4 I . -9.58 -29.76 8.26
C7 IT4 I . -10.81 -30.11 8.76
C3 IT4 I . -9.77 -30.74 10.85
O1 IT4 I . -13.20 -31.06 9.82
C1 IT4 I . -12.25 -30.96 10.62
O2 IT4 I . -12.35 -30.98 11.87
C2 IT4 I . -10.92 -30.63 10.06
BR1 IT4 I . -6.76 -29.39 8.36
O3 IT4 I . -11.91 -29.94 7.96
C4 IT4 J . -10.24 -26.45 11.04
C5 IT4 J . -10.33 -26.49 9.66
C6 IT4 J . -11.54 -26.76 9.01
C7 IT4 J . -12.67 -27.03 9.76
C3 IT4 J . -11.38 -26.73 11.77
O1 IT4 J . -14.90 -27.53 11.36
C1 IT4 J . -13.83 -27.26 11.99
O2 IT4 J . -13.76 -27.11 13.24
C2 IT4 J . -12.61 -27.03 11.17
BR1 IT4 J . -8.77 -26.10 8.61
O3 IT4 J . -13.86 -27.30 9.13
C4 IT4 K . -12.04 0.66 -3.69
C5 IT4 K . -11.61 -0.49 -3.01
C6 IT4 K . -10.60 -1.29 -3.52
C7 IT4 K . -10.00 -0.91 -4.70
C3 IT4 K . -11.40 1.04 -4.85
O1 IT4 K . -10.16 1.56 -7.37
C1 IT4 K . -9.69 0.62 -6.68
O2 IT4 K . -8.75 -0.10 -7.07
C2 IT4 K . -10.36 0.27 -5.39
BR1 IT4 K . -12.49 -1.06 -1.40
O3 IT4 K . -9.01 -1.71 -5.17
C4 IT4 L . -27.69 -3.90 -1.11
C5 IT4 L . -26.68 -4.66 -0.50
C6 IT4 L . -25.39 -4.21 -0.33
C7 IT4 L . -25.13 -2.95 -0.81
C3 IT4 L . -27.39 -2.62 -1.55
O1 IT4 L . -26.52 -0.06 -2.52
C1 IT4 L . -25.75 -0.70 -1.76
O2 IT4 L . -24.89 -0.12 -1.01
C2 IT4 L . -26.09 -2.11 -1.39
BR1 IT4 L . -27.08 -6.38 0.15
O3 IT4 L . -23.90 -2.52 -0.63
C4 IT4 M . -22.02 -9.89 -13.26
C5 IT4 M . -22.53 -9.78 -11.97
C6 IT4 M . -22.39 -10.80 -11.04
C7 IT4 M . -21.72 -11.95 -11.40
C3 IT4 M . -21.36 -11.04 -13.61
O1 IT4 M . -20.24 -13.51 -14.29
C1 IT4 M . -20.42 -13.32 -13.08
O2 IT4 M . -20.00 -14.07 -12.16
C2 IT4 M . -21.16 -12.08 -12.68
BR1 IT4 M . -23.41 -8.19 -11.41
O3 IT4 M . -21.60 -12.92 -10.47
C4 IT4 N . -2.59 24.52 -22.74
C5 IT4 N . -1.78 23.44 -22.41
C6 IT4 N . -1.08 22.73 -23.39
C7 IT4 N . -1.18 23.11 -24.72
C3 IT4 N . -2.69 24.88 -24.09
O1 IT4 N . -2.87 25.58 -26.80
C1 IT4 N . -2.14 24.59 -26.54
O2 IT4 N . -1.59 23.90 -27.46
C2 IT4 N . -2.00 24.19 -25.10
BR1 IT4 N . -1.59 22.85 -20.60
O3 IT4 N . -0.45 22.38 -25.62
#